data_3TBO
# 
_entry.id   3TBO 
# 
_audit_conform.dict_name       mmcif_pdbx.dic 
_audit_conform.dict_version    5.388 
_audit_conform.dict_location   http://mmcif.pdb.org/dictionaries/ascii/mmcif_pdbx.dic 
# 
loop_
_database_2.database_id 
_database_2.database_code 
_database_2.pdbx_database_accession 
_database_2.pdbx_DOI 
PDB   3TBO         pdb_00003tbo 10.2210/pdb3tbo/pdb 
RCSB  RCSB067282   ?            ?                   
WWPDB D_1000067282 ?            ?                   
# 
loop_
_pdbx_audit_revision_history.ordinal 
_pdbx_audit_revision_history.data_content_type 
_pdbx_audit_revision_history.major_revision 
_pdbx_audit_revision_history.minor_revision 
_pdbx_audit_revision_history.revision_date 
1 'Structure model' 1 0 2011-10-05 
2 'Structure model' 1 1 2011-10-12 
3 'Structure model' 1 2 2024-03-20 
# 
_pdbx_audit_revision_details.ordinal             1 
_pdbx_audit_revision_details.revision_ordinal    1 
_pdbx_audit_revision_details.data_content_type   'Structure model' 
_pdbx_audit_revision_details.provider            repository 
_pdbx_audit_revision_details.type                'Initial release' 
_pdbx_audit_revision_details.description         ? 
_pdbx_audit_revision_details.details             ? 
# 
loop_
_pdbx_audit_revision_group.ordinal 
_pdbx_audit_revision_group.revision_ordinal 
_pdbx_audit_revision_group.data_content_type 
_pdbx_audit_revision_group.group 
1 2 'Structure model' 'Database references'  
2 3 'Structure model' 'Data collection'      
3 3 'Structure model' 'Database references'  
4 3 'Structure model' 'Derived calculations' 
# 
loop_
_pdbx_audit_revision_category.ordinal 
_pdbx_audit_revision_category.revision_ordinal 
_pdbx_audit_revision_category.data_content_type 
_pdbx_audit_revision_category.category 
1 3 'Structure model' chem_comp_atom         
2 3 'Structure model' chem_comp_bond         
3 3 'Structure model' database_2             
4 3 'Structure model' pdbx_struct_conn_angle 
5 3 'Structure model' struct_conn            
6 3 'Structure model' struct_ref_seq_dif     
7 3 'Structure model' struct_site            
# 
loop_
_pdbx_audit_revision_item.ordinal 
_pdbx_audit_revision_item.revision_ordinal 
_pdbx_audit_revision_item.data_content_type 
_pdbx_audit_revision_item.item 
1  3 'Structure model' '_database_2.pdbx_DOI'                        
2  3 'Structure model' '_database_2.pdbx_database_accession'         
3  3 'Structure model' '_pdbx_struct_conn_angle.ptnr1_auth_comp_id'  
4  3 'Structure model' '_pdbx_struct_conn_angle.ptnr1_auth_seq_id'   
5  3 'Structure model' '_pdbx_struct_conn_angle.ptnr1_label_atom_id' 
6  3 'Structure model' '_pdbx_struct_conn_angle.ptnr1_label_comp_id' 
7  3 'Structure model' '_pdbx_struct_conn_angle.ptnr1_label_seq_id'  
8  3 'Structure model' '_pdbx_struct_conn_angle.ptnr2_label_atom_id' 
9  3 'Structure model' '_pdbx_struct_conn_angle.ptnr3_auth_comp_id'  
10 3 'Structure model' '_pdbx_struct_conn_angle.ptnr3_auth_seq_id'   
11 3 'Structure model' '_pdbx_struct_conn_angle.ptnr3_label_atom_id' 
12 3 'Structure model' '_pdbx_struct_conn_angle.ptnr3_label_comp_id' 
13 3 'Structure model' '_pdbx_struct_conn_angle.ptnr3_label_seq_id'  
14 3 'Structure model' '_pdbx_struct_conn_angle.value'               
15 3 'Structure model' '_struct_conn.pdbx_dist_value'                
16 3 'Structure model' '_struct_conn.ptnr1_auth_comp_id'             
17 3 'Structure model' '_struct_conn.ptnr1_auth_seq_id'              
18 3 'Structure model' '_struct_conn.ptnr1_label_atom_id'            
19 3 'Structure model' '_struct_conn.ptnr1_label_comp_id'            
20 3 'Structure model' '_struct_conn.ptnr1_label_seq_id'             
21 3 'Structure model' '_struct_conn.ptnr2_label_atom_id'            
22 3 'Structure model' '_struct_ref_seq_dif.details'                 
23 3 'Structure model' '_struct_site.pdbx_auth_asym_id'              
24 3 'Structure model' '_struct_site.pdbx_auth_comp_id'              
25 3 'Structure model' '_struct_site.pdbx_auth_seq_id'               
# 
_pdbx_database_status.status_code                     REL 
_pdbx_database_status.entry_id                        3TBO 
_pdbx_database_status.recvd_initial_deposition_date   2011-08-07 
_pdbx_database_status.deposit_site                    RCSB 
_pdbx_database_status.process_site                    PDBJ 
_pdbx_database_status.status_code_sf                  REL 
_pdbx_database_status.status_code_mr                  ? 
_pdbx_database_status.SG_entry                        ? 
_pdbx_database_status.status_code_cs                  ? 
_pdbx_database_status.pdb_format_compatible           Y 
_pdbx_database_status.status_code_nmr_data            ? 
_pdbx_database_status.methods_development_category    ? 
# 
loop_
_pdbx_database_related.db_name 
_pdbx_database_related.db_id 
_pdbx_database_related.details 
_pdbx_database_related.content_type 
PDB 3TBM . unspecified 
PDB 3TBN . unspecified 
# 
loop_
_audit_author.name 
_audit_author.pdbx_ordinal 
'Lin, J.'   1 
'Zhang, L.' 2 
'Ye, K.'    3 
# 
_citation.id                        primary 
_citation.title                     'Structure and Molecular Evolution of CDGSH Iron-Sulfur Domains.' 
_citation.journal_abbrev            'Plos One' 
_citation.journal_volume            6 
_citation.page_first                e24790 
_citation.page_last                 e24790 
_citation.year                      2011 
_citation.journal_id_ASTM           ? 
_citation.country                   US 
_citation.journal_id_ISSN           1932-6203 
_citation.journal_id_CSD            ? 
_citation.book_publisher            ? 
_citation.pdbx_database_id_PubMed   21949752 
_citation.pdbx_database_id_DOI      10.1371/journal.pone.0024790 
# 
loop_
_citation_author.citation_id 
_citation_author.name 
_citation_author.ordinal 
_citation_author.identifier_ORCID 
primary 'Lin, J.'   1 ? 
primary 'Zhang, L.' 2 ? 
primary 'Lai, S.'   3 ? 
primary 'Ye, K.'    4 ? 
# 
loop_
_entity.id 
_entity.type 
_entity.src_method 
_entity.pdbx_description 
_entity.formula_weight 
_entity.pdbx_number_of_molecules 
_entity.pdbx_ec 
_entity.pdbx_mutation 
_entity.pdbx_fragment 
_entity.details 
1 polymer     man 'Zinc finger, CDGSH-type domain protein' 6572.595 1  ? ? ? ? 
2 non-polymer syn 'FE2/S2 (INORGANIC) CLUSTER'             175.820  1  ? ? ? ? 
3 water       nat water                                    18.015   40 ? ? ? ? 
# 
_entity_name_com.entity_id   1 
_entity_name_com.name        'TYPE 3 CDGSH IRON-SULFUR PROTEIN' 
# 
_entity_poly.entity_id                      1 
_entity_poly.type                           'polypeptide(L)' 
_entity_poly.nstd_linkage                   no 
_entity_poly.nstd_monomer                   no 
_entity_poly.pdbx_seq_one_letter_code       MAVEIRAIENGPYEVKIGGRAIYLCRCGHSGSKPHCDGTHAKVGFKAPGAKIVHHHHHHH 
_entity_poly.pdbx_seq_one_letter_code_can   MAVEIRAIENGPYEVKIGGRAIYLCRCGHSGSKPHCDGTHAKVGFKAPGAKIVHHHHHHH 
_entity_poly.pdbx_strand_id                 A 
_entity_poly.pdbx_target_identifier         ? 
# 
loop_
_pdbx_entity_nonpoly.entity_id 
_pdbx_entity_nonpoly.name 
_pdbx_entity_nonpoly.comp_id 
2 'FE2/S2 (INORGANIC) CLUSTER' FES 
3 water                        HOH 
# 
loop_
_entity_poly_seq.entity_id 
_entity_poly_seq.num 
_entity_poly_seq.mon_id 
_entity_poly_seq.hetero 
1 1  MET n 
1 2  ALA n 
1 3  VAL n 
1 4  GLU n 
1 5  ILE n 
1 6  ARG n 
1 7  ALA n 
1 8  ILE n 
1 9  GLU n 
1 10 ASN n 
1 11 GLY n 
1 12 PRO n 
1 13 TYR n 
1 14 GLU n 
1 15 VAL n 
1 16 LYS n 
1 17 ILE n 
1 18 GLY n 
1 19 GLY n 
1 20 ARG n 
1 21 ALA n 
1 22 ILE n 
1 23 TYR n 
1 24 LEU n 
1 25 CYS n 
1 26 ARG n 
1 27 CYS n 
1 28 GLY n 
1 29 HIS n 
1 30 SER n 
1 31 GLY n 
1 32 SER n 
1 33 LYS n 
1 34 PRO n 
1 35 HIS n 
1 36 CYS n 
1 37 ASP n 
1 38 GLY n 
1 39 THR n 
1 40 HIS n 
1 41 ALA n 
1 42 LYS n 
1 43 VAL n 
1 44 GLY n 
1 45 PHE n 
1 46 LYS n 
1 47 ALA n 
1 48 PRO n 
1 49 GLY n 
1 50 ALA n 
1 51 LYS n 
1 52 ILE n 
1 53 VAL n 
1 54 HIS n 
1 55 HIS n 
1 56 HIS n 
1 57 HIS n 
1 58 HIS n 
1 59 HIS n 
1 60 HIS n 
# 
_entity_src_gen.entity_id                          1 
_entity_src_gen.pdbx_src_id                        1 
_entity_src_gen.pdbx_alt_source_flag               sample 
_entity_src_gen.pdbx_seq_type                      ? 
_entity_src_gen.pdbx_beg_seq_num                   ? 
_entity_src_gen.pdbx_end_seq_num                   ? 
_entity_src_gen.gene_src_common_name               ? 
_entity_src_gen.gene_src_genus                     ? 
_entity_src_gen.pdbx_gene_src_gene                 Pcal_1411 
_entity_src_gen.gene_src_species                   ? 
_entity_src_gen.gene_src_strain                    'JCM 11548' 
_entity_src_gen.gene_src_tissue                    ? 
_entity_src_gen.gene_src_tissue_fraction           ? 
_entity_src_gen.gene_src_details                   ? 
_entity_src_gen.pdbx_gene_src_fragment             ? 
_entity_src_gen.pdbx_gene_src_scientific_name      'Pyrobaculum calidifontis' 
_entity_src_gen.pdbx_gene_src_ncbi_taxonomy_id     410359 
_entity_src_gen.pdbx_gene_src_variant              ? 
_entity_src_gen.pdbx_gene_src_cell_line            ? 
_entity_src_gen.pdbx_gene_src_atcc                 ? 
_entity_src_gen.pdbx_gene_src_organ                ? 
_entity_src_gen.pdbx_gene_src_organelle            ? 
_entity_src_gen.pdbx_gene_src_cell                 ? 
_entity_src_gen.pdbx_gene_src_cellular_location    ? 
_entity_src_gen.host_org_common_name               ? 
_entity_src_gen.pdbx_host_org_scientific_name      'Escherichia coli' 
_entity_src_gen.pdbx_host_org_ncbi_taxonomy_id     562 
_entity_src_gen.host_org_genus                     ? 
_entity_src_gen.pdbx_host_org_gene                 ? 
_entity_src_gen.pdbx_host_org_organ                ? 
_entity_src_gen.host_org_species                   ? 
_entity_src_gen.pdbx_host_org_tissue               ? 
_entity_src_gen.pdbx_host_org_tissue_fraction      ? 
_entity_src_gen.pdbx_host_org_strain               'BL21(DE3)' 
_entity_src_gen.pdbx_host_org_variant              ? 
_entity_src_gen.pdbx_host_org_cell_line            ? 
_entity_src_gen.pdbx_host_org_atcc                 ? 
_entity_src_gen.pdbx_host_org_culture_collection   ? 
_entity_src_gen.pdbx_host_org_cell                 ? 
_entity_src_gen.pdbx_host_org_organelle            ? 
_entity_src_gen.pdbx_host_org_cellular_location    ? 
_entity_src_gen.pdbx_host_org_vector_type          PLASMID 
_entity_src_gen.pdbx_host_org_vector               ? 
_entity_src_gen.host_org_details                   ? 
_entity_src_gen.expression_system_id               ? 
_entity_src_gen.plasmid_name                       PET28A 
_entity_src_gen.plasmid_details                    ? 
_entity_src_gen.pdbx_description                   ? 
# 
loop_
_chem_comp.id 
_chem_comp.type 
_chem_comp.mon_nstd_flag 
_chem_comp.name 
_chem_comp.pdbx_synonyms 
_chem_comp.formula 
_chem_comp.formula_weight 
ALA 'L-peptide linking' y ALANINE                      ? 'C3 H7 N O2'     89.093  
ARG 'L-peptide linking' y ARGININE                     ? 'C6 H15 N4 O2 1' 175.209 
ASN 'L-peptide linking' y ASPARAGINE                   ? 'C4 H8 N2 O3'    132.118 
ASP 'L-peptide linking' y 'ASPARTIC ACID'              ? 'C4 H7 N O4'     133.103 
CYS 'L-peptide linking' y CYSTEINE                     ? 'C3 H7 N O2 S'   121.158 
FES non-polymer         . 'FE2/S2 (INORGANIC) CLUSTER' ? 'Fe2 S2'         175.820 
GLU 'L-peptide linking' y 'GLUTAMIC ACID'              ? 'C5 H9 N O4'     147.129 
GLY 'peptide linking'   y GLYCINE                      ? 'C2 H5 N O2'     75.067  
HIS 'L-peptide linking' y HISTIDINE                    ? 'C6 H10 N3 O2 1' 156.162 
HOH non-polymer         . WATER                        ? 'H2 O'           18.015  
ILE 'L-peptide linking' y ISOLEUCINE                   ? 'C6 H13 N O2'    131.173 
LEU 'L-peptide linking' y LEUCINE                      ? 'C6 H13 N O2'    131.173 
LYS 'L-peptide linking' y LYSINE                       ? 'C6 H15 N2 O2 1' 147.195 
MET 'L-peptide linking' y METHIONINE                   ? 'C5 H11 N O2 S'  149.211 
PHE 'L-peptide linking' y PHENYLALANINE                ? 'C9 H11 N O2'    165.189 
PRO 'L-peptide linking' y PROLINE                      ? 'C5 H9 N O2'     115.130 
SER 'L-peptide linking' y SERINE                       ? 'C3 H7 N O3'     105.093 
THR 'L-peptide linking' y THREONINE                    ? 'C4 H9 N O3'     119.119 
TYR 'L-peptide linking' y TYROSINE                     ? 'C9 H11 N O3'    181.189 
VAL 'L-peptide linking' y VALINE                       ? 'C5 H11 N O2'    117.146 
# 
loop_
_pdbx_poly_seq_scheme.asym_id 
_pdbx_poly_seq_scheme.entity_id 
_pdbx_poly_seq_scheme.seq_id 
_pdbx_poly_seq_scheme.mon_id 
_pdbx_poly_seq_scheme.ndb_seq_num 
_pdbx_poly_seq_scheme.pdb_seq_num 
_pdbx_poly_seq_scheme.auth_seq_num 
_pdbx_poly_seq_scheme.pdb_mon_id 
_pdbx_poly_seq_scheme.auth_mon_id 
_pdbx_poly_seq_scheme.pdb_strand_id 
_pdbx_poly_seq_scheme.pdb_ins_code 
_pdbx_poly_seq_scheme.hetero 
A 1 1  MET 1  1  ?  ?   ?   A . n 
A 1 2  ALA 2  2  ?  ?   ?   A . n 
A 1 3  VAL 3  3  3  VAL VAL A . n 
A 1 4  GLU 4  4  4  GLU GLU A . n 
A 1 5  ILE 5  5  5  ILE ILE A . n 
A 1 6  ARG 6  6  6  ARG ARG A . n 
A 1 7  ALA 7  7  7  ALA ALA A . n 
A 1 8  ILE 8  8  8  ILE ILE A . n 
A 1 9  GLU 9  9  9  GLU GLU A . n 
A 1 10 ASN 10 10 10 ASN ASN A . n 
A 1 11 GLY 11 11 11 GLY GLY A . n 
A 1 12 PRO 12 12 12 PRO PRO A . n 
A 1 13 TYR 13 13 13 TYR TYR A . n 
A 1 14 GLU 14 14 14 GLU GLU A . n 
A 1 15 VAL 15 15 15 VAL VAL A . n 
A 1 16 LYS 16 16 16 LYS LYS A . n 
A 1 17 ILE 17 17 17 ILE ILE A . n 
A 1 18 GLY 18 18 ?  ?   ?   A . n 
A 1 19 GLY 19 19 ?  ?   ?   A . n 
A 1 20 ARG 20 20 ?  ?   ?   A . n 
A 1 21 ALA 21 21 21 ALA ALA A . n 
A 1 22 ILE 22 22 22 ILE ILE A . n 
A 1 23 TYR 23 23 23 TYR TYR A . n 
A 1 24 LEU 24 24 24 LEU LEU A . n 
A 1 25 CYS 25 25 25 CYS CYS A . n 
A 1 26 ARG 26 26 26 ARG ARG A . n 
A 1 27 CYS 27 27 27 CYS CYS A . n 
A 1 28 GLY 28 28 28 GLY GLY A . n 
A 1 29 HIS 29 29 29 HIS HIS A . n 
A 1 30 SER 30 30 30 SER SER A . n 
A 1 31 GLY 31 31 31 GLY GLY A . n 
A 1 32 SER 32 32 32 SER SER A . n 
A 1 33 LYS 33 33 33 LYS LYS A . n 
A 1 34 PRO 34 34 34 PRO PRO A . n 
A 1 35 HIS 35 35 35 HIS HIS A . n 
A 1 36 CYS 36 36 36 CYS CYS A . n 
A 1 37 ASP 37 37 37 ASP ASP A . n 
A 1 38 GLY 38 38 38 GLY GLY A . n 
A 1 39 THR 39 39 39 THR THR A . n 
A 1 40 HIS 40 40 40 HIS HIS A . n 
A 1 41 ALA 41 41 41 ALA ALA A . n 
A 1 42 LYS 42 42 42 LYS LYS A . n 
A 1 43 VAL 43 43 43 VAL VAL A . n 
A 1 44 GLY 44 44 44 GLY GLY A . n 
A 1 45 PHE 45 45 45 PHE PHE A . n 
A 1 46 LYS 46 46 46 LYS LYS A . n 
A 1 47 ALA 47 47 47 ALA ALA A . n 
A 1 48 PRO 48 48 48 PRO PRO A . n 
A 1 49 GLY 49 49 49 GLY GLY A . n 
A 1 50 ALA 50 50 50 ALA ALA A . n 
A 1 51 LYS 51 51 51 LYS LYS A . n 
A 1 52 ILE 52 52 52 ILE ILE A . n 
A 1 53 VAL 53 53 53 VAL VAL A . n 
A 1 54 HIS 54 54 54 HIS HIS A . n 
A 1 55 HIS 55 55 55 HIS HIS A . n 
A 1 56 HIS 56 56 56 HIS HIS A . n 
A 1 57 HIS 57 57 57 HIS HIS A . n 
A 1 58 HIS 58 58 58 HIS HIS A . n 
A 1 59 HIS 59 59 59 HIS HIS A . n 
A 1 60 HIS 60 60 ?  ?   ?   A . n 
# 
loop_
_pdbx_nonpoly_scheme.asym_id 
_pdbx_nonpoly_scheme.entity_id 
_pdbx_nonpoly_scheme.mon_id 
_pdbx_nonpoly_scheme.ndb_seq_num 
_pdbx_nonpoly_scheme.pdb_seq_num 
_pdbx_nonpoly_scheme.auth_seq_num 
_pdbx_nonpoly_scheme.pdb_mon_id 
_pdbx_nonpoly_scheme.auth_mon_id 
_pdbx_nonpoly_scheme.pdb_strand_id 
_pdbx_nonpoly_scheme.pdb_ins_code 
B 2 FES 1  61  61  FES FES A . 
C 3 HOH 1  62  62  HOH HOH A . 
C 3 HOH 2  63  63  HOH HOH A . 
C 3 HOH 3  64  64  HOH HOH A . 
C 3 HOH 4  65  65  HOH HOH A . 
C 3 HOH 5  66  66  HOH HOH A . 
C 3 HOH 6  67  67  HOH HOH A . 
C 3 HOH 7  68  68  HOH HOH A . 
C 3 HOH 8  69  69  HOH HOH A . 
C 3 HOH 9  70  70  HOH HOH A . 
C 3 HOH 10 71  71  HOH HOH A . 
C 3 HOH 11 72  72  HOH HOH A . 
C 3 HOH 12 73  73  HOH HOH A . 
C 3 HOH 13 74  74  HOH HOH A . 
C 3 HOH 14 75  75  HOH HOH A . 
C 3 HOH 15 76  76  HOH HOH A . 
C 3 HOH 16 77  77  HOH HOH A . 
C 3 HOH 17 78  78  HOH HOH A . 
C 3 HOH 18 79  79  HOH HOH A . 
C 3 HOH 19 80  80  HOH HOH A . 
C 3 HOH 20 81  81  HOH HOH A . 
C 3 HOH 21 82  82  HOH HOH A . 
C 3 HOH 22 83  83  HOH HOH A . 
C 3 HOH 23 84  84  HOH HOH A . 
C 3 HOH 24 85  85  HOH HOH A . 
C 3 HOH 25 86  86  HOH HOH A . 
C 3 HOH 26 87  87  HOH HOH A . 
C 3 HOH 27 88  88  HOH HOH A . 
C 3 HOH 28 89  89  HOH HOH A . 
C 3 HOH 29 90  90  HOH HOH A . 
C 3 HOH 30 91  91  HOH HOH A . 
C 3 HOH 31 92  92  HOH HOH A . 
C 3 HOH 32 93  93  HOH HOH A . 
C 3 HOH 33 94  94  HOH HOH A . 
C 3 HOH 34 95  95  HOH HOH A . 
C 3 HOH 35 96  96  HOH HOH A . 
C 3 HOH 36 97  97  HOH HOH A . 
C 3 HOH 37 98  98  HOH HOH A . 
C 3 HOH 38 99  99  HOH HOH A . 
C 3 HOH 39 100 100 HOH HOH A . 
C 3 HOH 40 101 101 HOH HOH A . 
# 
loop_
_software.name 
_software.classification 
_software.version 
_software.citation_id 
_software.pdbx_ordinal 
HKL-2000  'data collection' .        ? 1 
SHARP     phasing           .        ? 2 
PHASER    phasing           .        ? 3 
REFMAC    refinement        5.5.0109 ? 4 
HKL-2000  'data reduction'  .        ? 5 
SCALEPACK 'data scaling'    .        ? 6 
# 
_cell.entry_id           3TBO 
_cell.length_a           49.903 
_cell.length_b           49.903 
_cell.length_c           46.076 
_cell.angle_alpha        90.00 
_cell.angle_beta         90.00 
_cell.angle_gamma        120.00 
_cell.Z_PDB              6 
_cell.pdbx_unique_axis   ? 
_cell.length_a_esd       ? 
_cell.length_b_esd       ? 
_cell.length_c_esd       ? 
_cell.angle_alpha_esd    ? 
_cell.angle_beta_esd     ? 
_cell.angle_gamma_esd    ? 
# 
_symmetry.entry_id                         3TBO 
_symmetry.space_group_name_H-M             'P 31 2 1' 
_symmetry.pdbx_full_space_group_name_H-M   ? 
_symmetry.cell_setting                     ? 
_symmetry.Int_Tables_number                152 
_symmetry.space_group_name_Hall            ? 
# 
_exptl.entry_id          3TBO 
_exptl.method            'X-RAY DIFFRACTION' 
_exptl.crystals_number   1 
# 
_exptl_crystal.id                    1 
_exptl_crystal.density_meas          ? 
_exptl_crystal.density_Matthews      2.52 
_exptl_crystal.density_percent_sol   51.19 
_exptl_crystal.description           ? 
# 
_exptl_crystal_grow.crystal_id      1 
_exptl_crystal_grow.method          'VAPOR DIFFUSION, HANGING DROP' 
_exptl_crystal_grow.temp            293.0 
_exptl_crystal_grow.temp_details    ? 
_exptl_crystal_grow.pH              6.5 
_exptl_crystal_grow.pdbx_details    '1.6M Magnesium Sulfate, 100mM MES, pH 6.5, VAPOR DIFFUSION, HANGING DROP, temperature 293.0K' 
_exptl_crystal_grow.pdbx_pH_range   . 
# 
_diffrn.id                     1 
_diffrn.ambient_temp           100 
_diffrn.ambient_temp_details   ? 
_diffrn.crystal_id             1 
# 
_diffrn_detector.diffrn_id              1 
_diffrn_detector.detector               CCD 
_diffrn_detector.type                   'RAYONIX MX-225' 
_diffrn_detector.pdbx_collection_date   2010-11-16 
_diffrn_detector.details                ? 
# 
_diffrn_radiation.diffrn_id                        1 
_diffrn_radiation.wavelength_id                    1 
_diffrn_radiation.pdbx_monochromatic_or_laue_m_l   M 
_diffrn_radiation.monochromator                    ? 
_diffrn_radiation.pdbx_diffrn_protocol             'SINGLE WAVELENGTH' 
_diffrn_radiation.pdbx_scattering_type             x-ray 
# 
_diffrn_radiation_wavelength.id           1 
_diffrn_radiation_wavelength.wavelength   1.0 
_diffrn_radiation_wavelength.wt           1.0 
# 
_diffrn_source.diffrn_id                   1 
_diffrn_source.source                      SYNCHROTRON 
_diffrn_source.type                        'SSRF BEAMLINE BL17U' 
_diffrn_source.pdbx_synchrotron_site       SSRF 
_diffrn_source.pdbx_synchrotron_beamline   BL17U 
_diffrn_source.pdbx_wavelength             ? 
_diffrn_source.pdbx_wavelength_list        1.0 
# 
_reflns.entry_id                     3TBO 
_reflns.observed_criterion_sigma_I   ? 
_reflns.observed_criterion_sigma_F   ? 
_reflns.d_resolution_low             50 
_reflns.d_resolution_high            1.5 
_reflns.number_obs                   10747 
_reflns.number_all                   10955 
_reflns.percent_possible_obs         98.1 
_reflns.pdbx_Rmerge_I_obs            0.084 
_reflns.pdbx_Rsym_value              ? 
_reflns.pdbx_netI_over_sigmaI        51.9 
_reflns.B_iso_Wilson_estimate        ? 
_reflns.pdbx_redundancy              11.3 
_reflns.R_free_details               ? 
_reflns.limit_h_max                  ? 
_reflns.limit_h_min                  ? 
_reflns.limit_k_max                  ? 
_reflns.limit_k_min                  ? 
_reflns.limit_l_max                  ? 
_reflns.limit_l_min                  ? 
_reflns.observed_criterion_F_max     ? 
_reflns.observed_criterion_F_min     ? 
_reflns.pdbx_chi_squared             ? 
_reflns.pdbx_scaling_rejects         ? 
_reflns.pdbx_ordinal                 1 
_reflns.pdbx_diffrn_id               1 
# 
_reflns_shell.d_res_high                  1.5 
_reflns_shell.d_res_low                   1.53 
_reflns_shell.percent_possible_all        100 
_reflns_shell.Rmerge_I_obs                0.487 
_reflns_shell.pdbx_Rsym_value             ? 
_reflns_shell.meanI_over_sigI_obs         10.4 
_reflns_shell.pdbx_redundancy             12.7 
_reflns_shell.percent_possible_obs        ? 
_reflns_shell.number_unique_all           ? 
_reflns_shell.number_measured_all         ? 
_reflns_shell.number_measured_obs         ? 
_reflns_shell.number_unique_obs           ? 
_reflns_shell.pdbx_chi_squared            ? 
_reflns_shell.pdbx_rejects                ? 
_reflns_shell.pdbx_netI_over_sigmaI_obs   ? 
_reflns_shell.number_possible             ? 
_reflns_shell.Rmerge_F_all                ? 
_reflns_shell.Rmerge_F_obs                ? 
_reflns_shell.Rmerge_I_all                ? 
_reflns_shell.meanI_over_sigI_all         ? 
_reflns_shell.pdbx_Rrim_I_all             ? 
_reflns_shell.pdbx_Rpim_I_all             ? 
_reflns_shell.pdbx_ordinal                1 
_reflns_shell.pdbx_diffrn_id              1 
# 
_refine.entry_id                                 3TBO 
_refine.ls_number_reflns_obs                     10110 
_refine.ls_number_reflns_all                     10403 
_refine.pdbx_ls_sigma_I                          ? 
_refine.pdbx_ls_sigma_F                          0.00 
_refine.pdbx_data_cutoff_high_absF               ? 
_refine.pdbx_data_cutoff_low_absF                ? 
_refine.pdbx_data_cutoff_high_rms_absF           ? 
_refine.ls_d_res_low                             20.00 
_refine.ls_d_res_high                            1.50 
_refine.ls_percent_reflns_obs                    97.18 
_refine.ls_R_factor_obs                          0.19713 
_refine.ls_R_factor_all                          ? 
_refine.ls_R_factor_R_work                       0.19594 
_refine.ls_R_factor_R_free                       0.22162 
_refine.ls_R_factor_R_free_error                 ? 
_refine.ls_R_factor_R_free_error_details         ? 
_refine.ls_percent_reflns_R_free                 4.8 
_refine.ls_number_reflns_R_free                  505 
_refine.ls_number_parameters                     ? 
_refine.ls_number_restraints                     ? 
_refine.occupancy_min                            ? 
_refine.occupancy_max                            ? 
_refine.correlation_coeff_Fo_to_Fc               0.938 
_refine.correlation_coeff_Fo_to_Fc_free          0.913 
_refine.B_iso_mean                               20.812 
_refine.aniso_B[1][1]                            0.37 
_refine.aniso_B[2][2]                            0.37 
_refine.aniso_B[3][3]                            -0.56 
_refine.aniso_B[1][2]                            0.19 
_refine.aniso_B[1][3]                            0.00 
_refine.aniso_B[2][3]                            0.00 
_refine.solvent_model_details                    MASK 
_refine.solvent_model_param_ksol                 ? 
_refine.solvent_model_param_bsol                 ? 
_refine.pdbx_solvent_vdw_probe_radii             1.40 
_refine.pdbx_solvent_ion_probe_radii             0.80 
_refine.pdbx_solvent_shrinkage_radii             0.80 
_refine.pdbx_ls_cross_valid_method               THROUGHOUT 
_refine.details                                  ? 
_refine.pdbx_starting_model                      ? 
_refine.pdbx_method_to_determine_struct          'SAD, MOLECULAR REPLACEMENT' 
_refine.pdbx_isotropic_thermal_model             ? 
_refine.pdbx_stereochemistry_target_values       'MAXIMUM LIKELIHOOD' 
_refine.pdbx_stereochem_target_val_spec_case     ? 
_refine.pdbx_R_Free_selection_details            RANDOM 
_refine.pdbx_overall_ESU_R_Free                  0.073 
_refine.overall_SU_ML                            0.041 
_refine.pdbx_overall_phase_error                 ? 
_refine.overall_SU_B                             1.021 
_refine.overall_SU_R_Cruickshank_DPI             ? 
_refine.ls_redundancy_reflns_obs                 ? 
_refine.B_iso_min                                ? 
_refine.B_iso_max                                ? 
_refine.overall_SU_R_free                        ? 
_refine.pdbx_overall_ESU_R                       ? 
_refine.ls_wR_factor_R_free                      ? 
_refine.ls_wR_factor_R_work                      ? 
_refine.overall_FOM_free_R_set                   ? 
_refine.overall_FOM_work_R_set                   ? 
_refine.pdbx_diffrn_id                           1 
_refine.pdbx_refine_id                           'X-RAY DIFFRACTION' 
_refine.pdbx_TLS_residual_ADP_flag               ? 
_refine.pdbx_overall_SU_R_free_Cruickshank_DPI   ? 
_refine.pdbx_overall_SU_R_Blow_DPI               ? 
_refine.pdbx_overall_SU_R_free_Blow_DPI          ? 
# 
_refine_hist.pdbx_refine_id                   'X-RAY DIFFRACTION' 
_refine_hist.cycle_id                         LAST 
_refine_hist.pdbx_number_atoms_protein        418 
_refine_hist.pdbx_number_atoms_nucleic_acid   0 
_refine_hist.pdbx_number_atoms_ligand         4 
_refine_hist.number_atoms_solvent             40 
_refine_hist.number_atoms_total               462 
_refine_hist.d_res_high                       1.50 
_refine_hist.d_res_low                        20.00 
# 
loop_
_refine_ls_restr.type 
_refine_ls_restr.dev_ideal 
_refine_ls_restr.dev_ideal_target 
_refine_ls_restr.weight 
_refine_ls_restr.number 
_refine_ls_restr.pdbx_restraint_function 
_refine_ls_restr.pdbx_refine_id 
r_bond_refined_d             0.010  0.021  ? 435 ? 'X-RAY DIFFRACTION' 
r_bond_other_d               ?      ?      ? ?   ? 'X-RAY DIFFRACTION' 
r_angle_refined_deg          1.731  1.899  ? 583 ? 'X-RAY DIFFRACTION' 
r_angle_other_deg            ?      ?      ? ?   ? 'X-RAY DIFFRACTION' 
r_dihedral_angle_1_deg       7.131  5.000  ? 52  ? 'X-RAY DIFFRACTION' 
r_dihedral_angle_2_deg       36.024 21.579 ? 19  ? 'X-RAY DIFFRACTION' 
r_dihedral_angle_3_deg       14.018 15.000 ? 68  ? 'X-RAY DIFFRACTION' 
r_dihedral_angle_4_deg       29.981 15.000 ? 2   ? 'X-RAY DIFFRACTION' 
r_chiral_restr               0.095  0.200  ? 59  ? 'X-RAY DIFFRACTION' 
r_gen_planes_refined         0.007  0.021  ? 327 ? 'X-RAY DIFFRACTION' 
r_gen_planes_other           ?      ?      ? ?   ? 'X-RAY DIFFRACTION' 
r_nbd_refined                ?      ?      ? ?   ? 'X-RAY DIFFRACTION' 
r_nbd_other                  ?      ?      ? ?   ? 'X-RAY DIFFRACTION' 
r_nbtor_refined              ?      ?      ? ?   ? 'X-RAY DIFFRACTION' 
r_nbtor_other                ?      ?      ? ?   ? 'X-RAY DIFFRACTION' 
r_xyhbond_nbd_refined        ?      ?      ? ?   ? 'X-RAY DIFFRACTION' 
r_xyhbond_nbd_other          ?      ?      ? ?   ? 'X-RAY DIFFRACTION' 
r_metal_ion_refined          ?      ?      ? ?   ? 'X-RAY DIFFRACTION' 
r_metal_ion_other            ?      ?      ? ?   ? 'X-RAY DIFFRACTION' 
r_symmetry_vdw_refined       ?      ?      ? ?   ? 'X-RAY DIFFRACTION' 
r_symmetry_vdw_other         ?      ?      ? ?   ? 'X-RAY DIFFRACTION' 
r_symmetry_hbond_refined     ?      ?      ? ?   ? 'X-RAY DIFFRACTION' 
r_symmetry_hbond_other       ?      ?      ? ?   ? 'X-RAY DIFFRACTION' 
r_symmetry_metal_ion_refined ?      ?      ? ?   ? 'X-RAY DIFFRACTION' 
r_symmetry_metal_ion_other   ?      ?      ? ?   ? 'X-RAY DIFFRACTION' 
r_mcbond_it                  0.906  1.500  ? 265 ? 'X-RAY DIFFRACTION' 
r_mcbond_other               ?      ?      ? ?   ? 'X-RAY DIFFRACTION' 
r_mcangle_it                 1.593  2.000  ? 422 ? 'X-RAY DIFFRACTION' 
r_scbond_it                  2.040  3.000  ? 170 ? 'X-RAY DIFFRACTION' 
r_scangle_it                 3.640  4.500  ? 159 ? 'X-RAY DIFFRACTION' 
r_rigid_bond_restr           ?      ?      ? ?   ? 'X-RAY DIFFRACTION' 
r_sphericity_free            ?      ?      ? ?   ? 'X-RAY DIFFRACTION' 
r_sphericity_bonded          ?      ?      ? ?   ? 'X-RAY DIFFRACTION' 
# 
_refine_ls_shell.pdbx_refine_id                   'X-RAY DIFFRACTION' 
_refine_ls_shell.pdbx_total_number_of_bins_used   20 
_refine_ls_shell.d_res_high                       1.502 
_refine_ls_shell.d_res_low                        1.540 
_refine_ls_shell.number_reflns_R_work             730 
_refine_ls_shell.R_factor_R_work                  0.189 
_refine_ls_shell.percent_reflns_obs               97.06 
_refine_ls_shell.R_factor_R_free                  0.208 
_refine_ls_shell.R_factor_R_free_error            ? 
_refine_ls_shell.percent_reflns_R_free            ? 
_refine_ls_shell.number_reflns_R_free             29 
_refine_ls_shell.number_reflns_all                ? 
_refine_ls_shell.R_factor_all                     ? 
_refine_ls_shell.number_reflns_obs                ? 
_refine_ls_shell.redundancy_reflns_obs            ? 
# 
_struct.entry_id                  3TBO 
_struct.title                     'Crystal structure of a type 3 CDGSH iron-sulfur protein.' 
_struct.pdbx_model_details        ? 
_struct.pdbx_CASP_flag            ? 
_struct.pdbx_model_type_details   ? 
# 
_struct_keywords.entry_id        3TBO 
_struct_keywords.pdbx_keywords   'METAL BINDING PROTEIN' 
_struct_keywords.text            'CDGSH, IRON-SULFUR, METAL BINDING PROTEIN' 
# 
loop_
_struct_asym.id 
_struct_asym.pdbx_blank_PDB_chainid_flag 
_struct_asym.pdbx_modified 
_struct_asym.entity_id 
_struct_asym.details 
A N N 1 ? 
B N N 2 ? 
C N N 3 ? 
# 
_struct_ref.id                         1 
_struct_ref.db_name                    UNP 
_struct_ref.db_code                    A3MW14_PYRCJ 
_struct_ref.pdbx_db_accession          A3MW14 
_struct_ref.entity_id                  1 
_struct_ref.pdbx_seq_one_letter_code   MAVEIRAIENGPYEVKIGGRAIYLCRCGHSGSKPHCDGTHAKVGFKAPGAKIV 
_struct_ref.pdbx_align_begin           1 
_struct_ref.pdbx_db_isoform            ? 
# 
_struct_ref_seq.align_id                      1 
_struct_ref_seq.ref_id                        1 
_struct_ref_seq.pdbx_PDB_id_code              3TBO 
_struct_ref_seq.pdbx_strand_id                A 
_struct_ref_seq.seq_align_beg                 1 
_struct_ref_seq.pdbx_seq_align_beg_ins_code   ? 
_struct_ref_seq.seq_align_end                 53 
_struct_ref_seq.pdbx_seq_align_end_ins_code   ? 
_struct_ref_seq.pdbx_db_accession             A3MW14 
_struct_ref_seq.db_align_beg                  1 
_struct_ref_seq.pdbx_db_align_beg_ins_code    ? 
_struct_ref_seq.db_align_end                  53 
_struct_ref_seq.pdbx_db_align_end_ins_code    ? 
_struct_ref_seq.pdbx_auth_seq_align_beg       1 
_struct_ref_seq.pdbx_auth_seq_align_end       53 
# 
loop_
_struct_ref_seq_dif.align_id 
_struct_ref_seq_dif.pdbx_pdb_id_code 
_struct_ref_seq_dif.mon_id 
_struct_ref_seq_dif.pdbx_pdb_strand_id 
_struct_ref_seq_dif.seq_num 
_struct_ref_seq_dif.pdbx_pdb_ins_code 
_struct_ref_seq_dif.pdbx_seq_db_name 
_struct_ref_seq_dif.pdbx_seq_db_accession_code 
_struct_ref_seq_dif.db_mon_id 
_struct_ref_seq_dif.pdbx_seq_db_seq_num 
_struct_ref_seq_dif.details 
_struct_ref_seq_dif.pdbx_auth_seq_num 
_struct_ref_seq_dif.pdbx_ordinal 
1 3TBO HIS A 54 ? UNP A3MW14 ? ? 'expression tag' 54 1 
1 3TBO HIS A 55 ? UNP A3MW14 ? ? 'expression tag' 55 2 
1 3TBO HIS A 56 ? UNP A3MW14 ? ? 'expression tag' 56 3 
1 3TBO HIS A 57 ? UNP A3MW14 ? ? 'expression tag' 57 4 
1 3TBO HIS A 58 ? UNP A3MW14 ? ? 'expression tag' 58 5 
1 3TBO HIS A 59 ? UNP A3MW14 ? ? 'expression tag' 59 6 
1 3TBO HIS A 60 ? UNP A3MW14 ? ? 'expression tag' 60 7 
# 
_pdbx_struct_assembly.id                   1 
_pdbx_struct_assembly.details              author_and_software_defined_assembly 
_pdbx_struct_assembly.method_details       PISA 
_pdbx_struct_assembly.oligomeric_details   dimeric 
_pdbx_struct_assembly.oligomeric_count     2 
# 
loop_
_pdbx_struct_assembly_prop.biol_id 
_pdbx_struct_assembly_prop.type 
_pdbx_struct_assembly_prop.value 
_pdbx_struct_assembly_prop.details 
1 'ABSA (A^2)' 2230 ? 
1 MORE         -49  ? 
1 'SSA (A^2)'  6300 ? 
# 
_pdbx_struct_assembly_gen.assembly_id       1 
_pdbx_struct_assembly_gen.oper_expression   1,2 
_pdbx_struct_assembly_gen.asym_id_list      A,B,C 
# 
loop_
_pdbx_struct_oper_list.id 
_pdbx_struct_oper_list.type 
_pdbx_struct_oper_list.name 
_pdbx_struct_oper_list.symmetry_operation 
_pdbx_struct_oper_list.matrix[1][1] 
_pdbx_struct_oper_list.matrix[1][2] 
_pdbx_struct_oper_list.matrix[1][3] 
_pdbx_struct_oper_list.vector[1] 
_pdbx_struct_oper_list.matrix[2][1] 
_pdbx_struct_oper_list.matrix[2][2] 
_pdbx_struct_oper_list.matrix[2][3] 
_pdbx_struct_oper_list.vector[2] 
_pdbx_struct_oper_list.matrix[3][1] 
_pdbx_struct_oper_list.matrix[3][2] 
_pdbx_struct_oper_list.matrix[3][3] 
_pdbx_struct_oper_list.vector[3] 
1 'identity operation'         1_555 x,y,z  1.0000000000  0.0000000000 0.0000000000  0.0000000000  0.0000000000 1.0000000000 0.0000000000  0.0000000000 0.0000000000  0.0000000000  1.0000000000  0.0000000000 
2 'crystal symmetry operation' 4_555 y,x,-z -0.9597527562 0.2099460376 -0.1865403662 -0.6393165058 0.2099460376 0.0951641548 -0.9730706269 7.4433130585 -0.1865403662 -0.9730706269 -0.1354113985 8.2393070607 
# 
_struct_biol.id        1 
_struct_biol.details   ? 
# 
_struct_conf.conf_type_id            HELX_P 
_struct_conf.id                      HELX_P1 
_struct_conf.pdbx_PDB_helix_id       1 
_struct_conf.beg_label_comp_id       GLY 
_struct_conf.beg_label_asym_id       A 
_struct_conf.beg_label_seq_id        38 
_struct_conf.pdbx_beg_PDB_ins_code   ? 
_struct_conf.end_label_comp_id       GLY 
_struct_conf.end_label_asym_id       A 
_struct_conf.end_label_seq_id        44 
_struct_conf.pdbx_end_PDB_ins_code   ? 
_struct_conf.beg_auth_comp_id        GLY 
_struct_conf.beg_auth_asym_id        A 
_struct_conf.beg_auth_seq_id         38 
_struct_conf.end_auth_comp_id        GLY 
_struct_conf.end_auth_asym_id        A 
_struct_conf.end_auth_seq_id         44 
_struct_conf.pdbx_PDB_helix_class    1 
_struct_conf.details                 ? 
_struct_conf.pdbx_PDB_helix_length   7 
# 
_struct_conf_type.id          HELX_P 
_struct_conf_type.criteria    ? 
_struct_conf_type.reference   ? 
# 
loop_
_struct_conn.id 
_struct_conn.conn_type_id 
_struct_conn.pdbx_leaving_atom_flag 
_struct_conn.pdbx_PDB_id 
_struct_conn.ptnr1_label_asym_id 
_struct_conn.ptnr1_label_comp_id 
_struct_conn.ptnr1_label_seq_id 
_struct_conn.ptnr1_label_atom_id 
_struct_conn.pdbx_ptnr1_label_alt_id 
_struct_conn.pdbx_ptnr1_PDB_ins_code 
_struct_conn.pdbx_ptnr1_standard_comp_id 
_struct_conn.ptnr1_symmetry 
_struct_conn.ptnr2_label_asym_id 
_struct_conn.ptnr2_label_comp_id 
_struct_conn.ptnr2_label_seq_id 
_struct_conn.ptnr2_label_atom_id 
_struct_conn.pdbx_ptnr2_label_alt_id 
_struct_conn.pdbx_ptnr2_PDB_ins_code 
_struct_conn.ptnr1_auth_asym_id 
_struct_conn.ptnr1_auth_comp_id 
_struct_conn.ptnr1_auth_seq_id 
_struct_conn.ptnr2_auth_asym_id 
_struct_conn.ptnr2_auth_comp_id 
_struct_conn.ptnr2_auth_seq_id 
_struct_conn.ptnr2_symmetry 
_struct_conn.pdbx_ptnr3_label_atom_id 
_struct_conn.pdbx_ptnr3_label_seq_id 
_struct_conn.pdbx_ptnr3_label_comp_id 
_struct_conn.pdbx_ptnr3_label_asym_id 
_struct_conn.pdbx_ptnr3_label_alt_id 
_struct_conn.pdbx_ptnr3_PDB_ins_code 
_struct_conn.details 
_struct_conn.pdbx_dist_value 
_struct_conn.pdbx_value_order 
_struct_conn.pdbx_role 
metalc1 metalc ? ? A CYS 25 SG  ? ? ? 1_555 B FES . FE1 ? ? A CYS 25 A FES 61 1_555 ? ? ? ? ? ? ? 2.388 ? ? 
metalc2 metalc ? ? A CYS 27 SG  ? ? ? 1_555 B FES . FE1 ? ? A CYS 27 A FES 61 1_555 ? ? ? ? ? ? ? 2.347 ? ? 
metalc3 metalc ? ? A CYS 36 SG  ? ? ? 1_555 B FES . FE2 ? ? A CYS 36 A FES 61 1_555 ? ? ? ? ? ? ? 2.333 ? ? 
metalc4 metalc ? ? A HIS 40 ND1 ? ? ? 1_555 B FES . FE2 ? ? A HIS 40 A FES 61 1_555 ? ? ? ? ? ? ? 2.160 ? ? 
# 
_struct_conn_type.id          metalc 
_struct_conn_type.criteria    ? 
_struct_conn_type.reference   ? 
# 
loop_
_pdbx_struct_conn_angle.id 
_pdbx_struct_conn_angle.ptnr1_label_atom_id 
_pdbx_struct_conn_angle.ptnr1_label_alt_id 
_pdbx_struct_conn_angle.ptnr1_label_asym_id 
_pdbx_struct_conn_angle.ptnr1_label_comp_id 
_pdbx_struct_conn_angle.ptnr1_label_seq_id 
_pdbx_struct_conn_angle.ptnr1_auth_atom_id 
_pdbx_struct_conn_angle.ptnr1_auth_asym_id 
_pdbx_struct_conn_angle.ptnr1_auth_comp_id 
_pdbx_struct_conn_angle.ptnr1_auth_seq_id 
_pdbx_struct_conn_angle.ptnr1_PDB_ins_code 
_pdbx_struct_conn_angle.ptnr1_symmetry 
_pdbx_struct_conn_angle.ptnr2_label_atom_id 
_pdbx_struct_conn_angle.ptnr2_label_alt_id 
_pdbx_struct_conn_angle.ptnr2_label_asym_id 
_pdbx_struct_conn_angle.ptnr2_label_comp_id 
_pdbx_struct_conn_angle.ptnr2_label_seq_id 
_pdbx_struct_conn_angle.ptnr2_auth_atom_id 
_pdbx_struct_conn_angle.ptnr2_auth_asym_id 
_pdbx_struct_conn_angle.ptnr2_auth_comp_id 
_pdbx_struct_conn_angle.ptnr2_auth_seq_id 
_pdbx_struct_conn_angle.ptnr2_PDB_ins_code 
_pdbx_struct_conn_angle.ptnr2_symmetry 
_pdbx_struct_conn_angle.ptnr3_label_atom_id 
_pdbx_struct_conn_angle.ptnr3_label_alt_id 
_pdbx_struct_conn_angle.ptnr3_label_asym_id 
_pdbx_struct_conn_angle.ptnr3_label_comp_id 
_pdbx_struct_conn_angle.ptnr3_label_seq_id 
_pdbx_struct_conn_angle.ptnr3_auth_atom_id 
_pdbx_struct_conn_angle.ptnr3_auth_asym_id 
_pdbx_struct_conn_angle.ptnr3_auth_comp_id 
_pdbx_struct_conn_angle.ptnr3_auth_seq_id 
_pdbx_struct_conn_angle.ptnr3_PDB_ins_code 
_pdbx_struct_conn_angle.ptnr3_symmetry 
_pdbx_struct_conn_angle.value 
_pdbx_struct_conn_angle.value_esd 
1  SG ? A CYS 25 ? A CYS 25 ? 1_555 FE1 ? B FES . ? A FES 61 ? 1_555 S1  ? B FES .  ? A FES 61 ? 1_555 112.4 ? 
2  SG ? A CYS 25 ? A CYS 25 ? 1_555 FE1 ? B FES . ? A FES 61 ? 1_555 S2  ? B FES .  ? A FES 61 ? 1_555 113.4 ? 
3  S1 ? B FES .  ? A FES 61 ? 1_555 FE1 ? B FES . ? A FES 61 ? 1_555 S2  ? B FES .  ? A FES 61 ? 1_555 105.9 ? 
4  SG ? A CYS 25 ? A CYS 25 ? 1_555 FE1 ? B FES . ? A FES 61 ? 1_555 SG  ? A CYS 27 ? A CYS 27 ? 1_555 101.0 ? 
5  S1 ? B FES .  ? A FES 61 ? 1_555 FE1 ? B FES . ? A FES 61 ? 1_555 SG  ? A CYS 27 ? A CYS 27 ? 1_555 110.2 ? 
6  S2 ? B FES .  ? A FES 61 ? 1_555 FE1 ? B FES . ? A FES 61 ? 1_555 SG  ? A CYS 27 ? A CYS 27 ? 1_555 114.0 ? 
7  SG ? A CYS 36 ? A CYS 36 ? 1_555 FE2 ? B FES . ? A FES 61 ? 1_555 S1  ? B FES .  ? A FES 61 ? 1_555 111.9 ? 
8  SG ? A CYS 36 ? A CYS 36 ? 1_555 FE2 ? B FES . ? A FES 61 ? 1_555 S2  ? B FES .  ? A FES 61 ? 1_555 126.4 ? 
9  S1 ? B FES .  ? A FES 61 ? 1_555 FE2 ? B FES . ? A FES 61 ? 1_555 S2  ? B FES .  ? A FES 61 ? 1_555 104.9 ? 
10 SG ? A CYS 36 ? A CYS 36 ? 1_555 FE2 ? B FES . ? A FES 61 ? 1_555 ND1 ? A HIS 40 ? A HIS 40 ? 1_555 93.5  ? 
11 S1 ? B FES .  ? A FES 61 ? 1_555 FE2 ? B FES . ? A FES 61 ? 1_555 ND1 ? A HIS 40 ? A HIS 40 ? 1_555 117.1 ? 
12 S2 ? B FES .  ? A FES 61 ? 1_555 FE2 ? B FES . ? A FES 61 ? 1_555 ND1 ? A HIS 40 ? A HIS 40 ? 1_555 103.0 ? 
# 
_struct_mon_prot_cis.pdbx_id                1 
_struct_mon_prot_cis.label_comp_id          LYS 
_struct_mon_prot_cis.label_seq_id           33 
_struct_mon_prot_cis.label_asym_id          A 
_struct_mon_prot_cis.label_alt_id           . 
_struct_mon_prot_cis.pdbx_PDB_ins_code      ? 
_struct_mon_prot_cis.auth_comp_id           LYS 
_struct_mon_prot_cis.auth_seq_id            33 
_struct_mon_prot_cis.auth_asym_id           A 
_struct_mon_prot_cis.pdbx_label_comp_id_2   PRO 
_struct_mon_prot_cis.pdbx_label_seq_id_2    34 
_struct_mon_prot_cis.pdbx_label_asym_id_2   A 
_struct_mon_prot_cis.pdbx_PDB_ins_code_2    ? 
_struct_mon_prot_cis.pdbx_auth_comp_id_2    PRO 
_struct_mon_prot_cis.pdbx_auth_seq_id_2     34 
_struct_mon_prot_cis.pdbx_auth_asym_id_2    A 
_struct_mon_prot_cis.pdbx_PDB_model_num     1 
_struct_mon_prot_cis.pdbx_omega_angle       7.29 
# 
_struct_sheet.id               A 
_struct_sheet.type             ? 
_struct_sheet.number_strands   4 
_struct_sheet.details          ? 
# 
loop_
_struct_sheet_order.sheet_id 
_struct_sheet_order.range_id_1 
_struct_sheet_order.range_id_2 
_struct_sheet_order.offset 
_struct_sheet_order.sense 
A 1 2 ? anti-parallel 
A 2 3 ? anti-parallel 
A 3 4 ? anti-parallel 
# 
loop_
_struct_sheet_range.sheet_id 
_struct_sheet_range.id 
_struct_sheet_range.beg_label_comp_id 
_struct_sheet_range.beg_label_asym_id 
_struct_sheet_range.beg_label_seq_id 
_struct_sheet_range.pdbx_beg_PDB_ins_code 
_struct_sheet_range.end_label_comp_id 
_struct_sheet_range.end_label_asym_id 
_struct_sheet_range.end_label_seq_id 
_struct_sheet_range.pdbx_end_PDB_ins_code 
_struct_sheet_range.beg_auth_comp_id 
_struct_sheet_range.beg_auth_asym_id 
_struct_sheet_range.beg_auth_seq_id 
_struct_sheet_range.end_auth_comp_id 
_struct_sheet_range.end_auth_asym_id 
_struct_sheet_range.end_auth_seq_id 
A 1 ILE A 22 ? LEU A 24 ? ILE A 22 LEU A 24 
A 2 TYR A 13 ? LYS A 16 ? TYR A 13 LYS A 16 
A 3 GLU A 4  ? ALA A 7  ? GLU A 4  ALA A 7  
A 4 ALA A 50 ? HIS A 54 ? ALA A 50 HIS A 54 
# 
loop_
_pdbx_struct_sheet_hbond.sheet_id 
_pdbx_struct_sheet_hbond.range_id_1 
_pdbx_struct_sheet_hbond.range_id_2 
_pdbx_struct_sheet_hbond.range_1_label_atom_id 
_pdbx_struct_sheet_hbond.range_1_label_comp_id 
_pdbx_struct_sheet_hbond.range_1_label_asym_id 
_pdbx_struct_sheet_hbond.range_1_label_seq_id 
_pdbx_struct_sheet_hbond.range_1_PDB_ins_code 
_pdbx_struct_sheet_hbond.range_1_auth_atom_id 
_pdbx_struct_sheet_hbond.range_1_auth_comp_id 
_pdbx_struct_sheet_hbond.range_1_auth_asym_id 
_pdbx_struct_sheet_hbond.range_1_auth_seq_id 
_pdbx_struct_sheet_hbond.range_2_label_atom_id 
_pdbx_struct_sheet_hbond.range_2_label_comp_id 
_pdbx_struct_sheet_hbond.range_2_label_asym_id 
_pdbx_struct_sheet_hbond.range_2_label_seq_id 
_pdbx_struct_sheet_hbond.range_2_PDB_ins_code 
_pdbx_struct_sheet_hbond.range_2_auth_atom_id 
_pdbx_struct_sheet_hbond.range_2_auth_comp_id 
_pdbx_struct_sheet_hbond.range_2_auth_asym_id 
_pdbx_struct_sheet_hbond.range_2_auth_seq_id 
A 1 2 O ILE A 22 ? O ILE A 22 N VAL A 15 ? N VAL A 15 
A 2 3 O GLU A 14 ? O GLU A 14 N ARG A 6  ? N ARG A 6  
A 3 4 N ALA A 7  ? N ALA A 7  O ALA A 50 ? O ALA A 50 
# 
_struct_site.id                   AC1 
_struct_site.pdbx_evidence_code   Software 
_struct_site.pdbx_auth_asym_id    A 
_struct_site.pdbx_auth_comp_id    FES 
_struct_site.pdbx_auth_seq_id     61 
_struct_site.pdbx_auth_ins_code   ? 
_struct_site.pdbx_num_residues    8 
_struct_site.details              'BINDING SITE FOR RESIDUE FES A 61' 
# 
loop_
_struct_site_gen.id 
_struct_site_gen.site_id 
_struct_site_gen.pdbx_num_res 
_struct_site_gen.label_comp_id 
_struct_site_gen.label_asym_id 
_struct_site_gen.label_seq_id 
_struct_site_gen.pdbx_auth_ins_code 
_struct_site_gen.auth_comp_id 
_struct_site_gen.auth_asym_id 
_struct_site_gen.auth_seq_id 
_struct_site_gen.label_atom_id 
_struct_site_gen.label_alt_id 
_struct_site_gen.symmetry 
_struct_site_gen.details 
1 AC1 8 CYS A 25 ? CYS A 25 . ? 1_555 ? 
2 AC1 8 ARG A 26 ? ARG A 26 . ? 1_555 ? 
3 AC1 8 CYS A 27 ? CYS A 27 . ? 1_555 ? 
4 AC1 8 SER A 30 ? SER A 30 . ? 1_555 ? 
5 AC1 8 CYS A 36 ? CYS A 36 . ? 1_555 ? 
6 AC1 8 ASP A 37 ? ASP A 37 . ? 1_555 ? 
7 AC1 8 THR A 39 ? THR A 39 . ? 1_555 ? 
8 AC1 8 HIS A 40 ? HIS A 40 . ? 1_555 ? 
# 
loop_
_pdbx_unobs_or_zero_occ_residues.id 
_pdbx_unobs_or_zero_occ_residues.PDB_model_num 
_pdbx_unobs_or_zero_occ_residues.polymer_flag 
_pdbx_unobs_or_zero_occ_residues.occupancy_flag 
_pdbx_unobs_or_zero_occ_residues.auth_asym_id 
_pdbx_unobs_or_zero_occ_residues.auth_comp_id 
_pdbx_unobs_or_zero_occ_residues.auth_seq_id 
_pdbx_unobs_or_zero_occ_residues.PDB_ins_code 
_pdbx_unobs_or_zero_occ_residues.label_asym_id 
_pdbx_unobs_or_zero_occ_residues.label_comp_id 
_pdbx_unobs_or_zero_occ_residues.label_seq_id 
1 1 Y 1 A MET 1  ? A MET 1  
2 1 Y 1 A ALA 2  ? A ALA 2  
3 1 Y 1 A GLY 18 ? A GLY 18 
4 1 Y 1 A GLY 19 ? A GLY 19 
5 1 Y 1 A ARG 20 ? A ARG 20 
6 1 Y 1 A HIS 60 ? A HIS 60 
# 
loop_
_chem_comp_atom.comp_id 
_chem_comp_atom.atom_id 
_chem_comp_atom.type_symbol 
_chem_comp_atom.pdbx_aromatic_flag 
_chem_comp_atom.pdbx_stereo_config 
_chem_comp_atom.pdbx_ordinal 
ALA N    N  N N 1   
ALA CA   C  N S 2   
ALA C    C  N N 3   
ALA O    O  N N 4   
ALA CB   C  N N 5   
ALA OXT  O  N N 6   
ALA H    H  N N 7   
ALA H2   H  N N 8   
ALA HA   H  N N 9   
ALA HB1  H  N N 10  
ALA HB2  H  N N 11  
ALA HB3  H  N N 12  
ALA HXT  H  N N 13  
ARG N    N  N N 14  
ARG CA   C  N S 15  
ARG C    C  N N 16  
ARG O    O  N N 17  
ARG CB   C  N N 18  
ARG CG   C  N N 19  
ARG CD   C  N N 20  
ARG NE   N  N N 21  
ARG CZ   C  N N 22  
ARG NH1  N  N N 23  
ARG NH2  N  N N 24  
ARG OXT  O  N N 25  
ARG H    H  N N 26  
ARG H2   H  N N 27  
ARG HA   H  N N 28  
ARG HB2  H  N N 29  
ARG HB3  H  N N 30  
ARG HG2  H  N N 31  
ARG HG3  H  N N 32  
ARG HD2  H  N N 33  
ARG HD3  H  N N 34  
ARG HE   H  N N 35  
ARG HH11 H  N N 36  
ARG HH12 H  N N 37  
ARG HH21 H  N N 38  
ARG HH22 H  N N 39  
ARG HXT  H  N N 40  
ASN N    N  N N 41  
ASN CA   C  N S 42  
ASN C    C  N N 43  
ASN O    O  N N 44  
ASN CB   C  N N 45  
ASN CG   C  N N 46  
ASN OD1  O  N N 47  
ASN ND2  N  N N 48  
ASN OXT  O  N N 49  
ASN H    H  N N 50  
ASN H2   H  N N 51  
ASN HA   H  N N 52  
ASN HB2  H  N N 53  
ASN HB3  H  N N 54  
ASN HD21 H  N N 55  
ASN HD22 H  N N 56  
ASN HXT  H  N N 57  
ASP N    N  N N 58  
ASP CA   C  N S 59  
ASP C    C  N N 60  
ASP O    O  N N 61  
ASP CB   C  N N 62  
ASP CG   C  N N 63  
ASP OD1  O  N N 64  
ASP OD2  O  N N 65  
ASP OXT  O  N N 66  
ASP H    H  N N 67  
ASP H2   H  N N 68  
ASP HA   H  N N 69  
ASP HB2  H  N N 70  
ASP HB3  H  N N 71  
ASP HD2  H  N N 72  
ASP HXT  H  N N 73  
CYS N    N  N N 74  
CYS CA   C  N R 75  
CYS C    C  N N 76  
CYS O    O  N N 77  
CYS CB   C  N N 78  
CYS SG   S  N N 79  
CYS OXT  O  N N 80  
CYS H    H  N N 81  
CYS H2   H  N N 82  
CYS HA   H  N N 83  
CYS HB2  H  N N 84  
CYS HB3  H  N N 85  
CYS HG   H  N N 86  
CYS HXT  H  N N 87  
FES FE1  FE N N 88  
FES FE2  FE N N 89  
FES S1   S  N N 90  
FES S2   S  N N 91  
GLU N    N  N N 92  
GLU CA   C  N S 93  
GLU C    C  N N 94  
GLU O    O  N N 95  
GLU CB   C  N N 96  
GLU CG   C  N N 97  
GLU CD   C  N N 98  
GLU OE1  O  N N 99  
GLU OE2  O  N N 100 
GLU OXT  O  N N 101 
GLU H    H  N N 102 
GLU H2   H  N N 103 
GLU HA   H  N N 104 
GLU HB2  H  N N 105 
GLU HB3  H  N N 106 
GLU HG2  H  N N 107 
GLU HG3  H  N N 108 
GLU HE2  H  N N 109 
GLU HXT  H  N N 110 
GLY N    N  N N 111 
GLY CA   C  N N 112 
GLY C    C  N N 113 
GLY O    O  N N 114 
GLY OXT  O  N N 115 
GLY H    H  N N 116 
GLY H2   H  N N 117 
GLY HA2  H  N N 118 
GLY HA3  H  N N 119 
GLY HXT  H  N N 120 
HIS N    N  N N 121 
HIS CA   C  N S 122 
HIS C    C  N N 123 
HIS O    O  N N 124 
HIS CB   C  N N 125 
HIS CG   C  Y N 126 
HIS ND1  N  Y N 127 
HIS CD2  C  Y N 128 
HIS CE1  C  Y N 129 
HIS NE2  N  Y N 130 
HIS OXT  O  N N 131 
HIS H    H  N N 132 
HIS H2   H  N N 133 
HIS HA   H  N N 134 
HIS HB2  H  N N 135 
HIS HB3  H  N N 136 
HIS HD1  H  N N 137 
HIS HD2  H  N N 138 
HIS HE1  H  N N 139 
HIS HE2  H  N N 140 
HIS HXT  H  N N 141 
HOH O    O  N N 142 
HOH H1   H  N N 143 
HOH H2   H  N N 144 
ILE N    N  N N 145 
ILE CA   C  N S 146 
ILE C    C  N N 147 
ILE O    O  N N 148 
ILE CB   C  N S 149 
ILE CG1  C  N N 150 
ILE CG2  C  N N 151 
ILE CD1  C  N N 152 
ILE OXT  O  N N 153 
ILE H    H  N N 154 
ILE H2   H  N N 155 
ILE HA   H  N N 156 
ILE HB   H  N N 157 
ILE HG12 H  N N 158 
ILE HG13 H  N N 159 
ILE HG21 H  N N 160 
ILE HG22 H  N N 161 
ILE HG23 H  N N 162 
ILE HD11 H  N N 163 
ILE HD12 H  N N 164 
ILE HD13 H  N N 165 
ILE HXT  H  N N 166 
LEU N    N  N N 167 
LEU CA   C  N S 168 
LEU C    C  N N 169 
LEU O    O  N N 170 
LEU CB   C  N N 171 
LEU CG   C  N N 172 
LEU CD1  C  N N 173 
LEU CD2  C  N N 174 
LEU OXT  O  N N 175 
LEU H    H  N N 176 
LEU H2   H  N N 177 
LEU HA   H  N N 178 
LEU HB2  H  N N 179 
LEU HB3  H  N N 180 
LEU HG   H  N N 181 
LEU HD11 H  N N 182 
LEU HD12 H  N N 183 
LEU HD13 H  N N 184 
LEU HD21 H  N N 185 
LEU HD22 H  N N 186 
LEU HD23 H  N N 187 
LEU HXT  H  N N 188 
LYS N    N  N N 189 
LYS CA   C  N S 190 
LYS C    C  N N 191 
LYS O    O  N N 192 
LYS CB   C  N N 193 
LYS CG   C  N N 194 
LYS CD   C  N N 195 
LYS CE   C  N N 196 
LYS NZ   N  N N 197 
LYS OXT  O  N N 198 
LYS H    H  N N 199 
LYS H2   H  N N 200 
LYS HA   H  N N 201 
LYS HB2  H  N N 202 
LYS HB3  H  N N 203 
LYS HG2  H  N N 204 
LYS HG3  H  N N 205 
LYS HD2  H  N N 206 
LYS HD3  H  N N 207 
LYS HE2  H  N N 208 
LYS HE3  H  N N 209 
LYS HZ1  H  N N 210 
LYS HZ2  H  N N 211 
LYS HZ3  H  N N 212 
LYS HXT  H  N N 213 
MET N    N  N N 214 
MET CA   C  N S 215 
MET C    C  N N 216 
MET O    O  N N 217 
MET CB   C  N N 218 
MET CG   C  N N 219 
MET SD   S  N N 220 
MET CE   C  N N 221 
MET OXT  O  N N 222 
MET H    H  N N 223 
MET H2   H  N N 224 
MET HA   H  N N 225 
MET HB2  H  N N 226 
MET HB3  H  N N 227 
MET HG2  H  N N 228 
MET HG3  H  N N 229 
MET HE1  H  N N 230 
MET HE2  H  N N 231 
MET HE3  H  N N 232 
MET HXT  H  N N 233 
PHE N    N  N N 234 
PHE CA   C  N S 235 
PHE C    C  N N 236 
PHE O    O  N N 237 
PHE CB   C  N N 238 
PHE CG   C  Y N 239 
PHE CD1  C  Y N 240 
PHE CD2  C  Y N 241 
PHE CE1  C  Y N 242 
PHE CE2  C  Y N 243 
PHE CZ   C  Y N 244 
PHE OXT  O  N N 245 
PHE H    H  N N 246 
PHE H2   H  N N 247 
PHE HA   H  N N 248 
PHE HB2  H  N N 249 
PHE HB3  H  N N 250 
PHE HD1  H  N N 251 
PHE HD2  H  N N 252 
PHE HE1  H  N N 253 
PHE HE2  H  N N 254 
PHE HZ   H  N N 255 
PHE HXT  H  N N 256 
PRO N    N  N N 257 
PRO CA   C  N S 258 
PRO C    C  N N 259 
PRO O    O  N N 260 
PRO CB   C  N N 261 
PRO CG   C  N N 262 
PRO CD   C  N N 263 
PRO OXT  O  N N 264 
PRO H    H  N N 265 
PRO HA   H  N N 266 
PRO HB2  H  N N 267 
PRO HB3  H  N N 268 
PRO HG2  H  N N 269 
PRO HG3  H  N N 270 
PRO HD2  H  N N 271 
PRO HD3  H  N N 272 
PRO HXT  H  N N 273 
SER N    N  N N 274 
SER CA   C  N S 275 
SER C    C  N N 276 
SER O    O  N N 277 
SER CB   C  N N 278 
SER OG   O  N N 279 
SER OXT  O  N N 280 
SER H    H  N N 281 
SER H2   H  N N 282 
SER HA   H  N N 283 
SER HB2  H  N N 284 
SER HB3  H  N N 285 
SER HG   H  N N 286 
SER HXT  H  N N 287 
THR N    N  N N 288 
THR CA   C  N S 289 
THR C    C  N N 290 
THR O    O  N N 291 
THR CB   C  N R 292 
THR OG1  O  N N 293 
THR CG2  C  N N 294 
THR OXT  O  N N 295 
THR H    H  N N 296 
THR H2   H  N N 297 
THR HA   H  N N 298 
THR HB   H  N N 299 
THR HG1  H  N N 300 
THR HG21 H  N N 301 
THR HG22 H  N N 302 
THR HG23 H  N N 303 
THR HXT  H  N N 304 
TYR N    N  N N 305 
TYR CA   C  N S 306 
TYR C    C  N N 307 
TYR O    O  N N 308 
TYR CB   C  N N 309 
TYR CG   C  Y N 310 
TYR CD1  C  Y N 311 
TYR CD2  C  Y N 312 
TYR CE1  C  Y N 313 
TYR CE2  C  Y N 314 
TYR CZ   C  Y N 315 
TYR OH   O  N N 316 
TYR OXT  O  N N 317 
TYR H    H  N N 318 
TYR H2   H  N N 319 
TYR HA   H  N N 320 
TYR HB2  H  N N 321 
TYR HB3  H  N N 322 
TYR HD1  H  N N 323 
TYR HD2  H  N N 324 
TYR HE1  H  N N 325 
TYR HE2  H  N N 326 
TYR HH   H  N N 327 
TYR HXT  H  N N 328 
VAL N    N  N N 329 
VAL CA   C  N S 330 
VAL C    C  N N 331 
VAL O    O  N N 332 
VAL CB   C  N N 333 
VAL CG1  C  N N 334 
VAL CG2  C  N N 335 
VAL OXT  O  N N 336 
VAL H    H  N N 337 
VAL H2   H  N N 338 
VAL HA   H  N N 339 
VAL HB   H  N N 340 
VAL HG11 H  N N 341 
VAL HG12 H  N N 342 
VAL HG13 H  N N 343 
VAL HG21 H  N N 344 
VAL HG22 H  N N 345 
VAL HG23 H  N N 346 
VAL HXT  H  N N 347 
# 
loop_
_chem_comp_bond.comp_id 
_chem_comp_bond.atom_id_1 
_chem_comp_bond.atom_id_2 
_chem_comp_bond.value_order 
_chem_comp_bond.pdbx_aromatic_flag 
_chem_comp_bond.pdbx_stereo_config 
_chem_comp_bond.pdbx_ordinal 
ALA N   CA   sing N N 1   
ALA N   H    sing N N 2   
ALA N   H2   sing N N 3   
ALA CA  C    sing N N 4   
ALA CA  CB   sing N N 5   
ALA CA  HA   sing N N 6   
ALA C   O    doub N N 7   
ALA C   OXT  sing N N 8   
ALA CB  HB1  sing N N 9   
ALA CB  HB2  sing N N 10  
ALA CB  HB3  sing N N 11  
ALA OXT HXT  sing N N 12  
ARG N   CA   sing N N 13  
ARG N   H    sing N N 14  
ARG N   H2   sing N N 15  
ARG CA  C    sing N N 16  
ARG CA  CB   sing N N 17  
ARG CA  HA   sing N N 18  
ARG C   O    doub N N 19  
ARG C   OXT  sing N N 20  
ARG CB  CG   sing N N 21  
ARG CB  HB2  sing N N 22  
ARG CB  HB3  sing N N 23  
ARG CG  CD   sing N N 24  
ARG CG  HG2  sing N N 25  
ARG CG  HG3  sing N N 26  
ARG CD  NE   sing N N 27  
ARG CD  HD2  sing N N 28  
ARG CD  HD3  sing N N 29  
ARG NE  CZ   sing N N 30  
ARG NE  HE   sing N N 31  
ARG CZ  NH1  sing N N 32  
ARG CZ  NH2  doub N N 33  
ARG NH1 HH11 sing N N 34  
ARG NH1 HH12 sing N N 35  
ARG NH2 HH21 sing N N 36  
ARG NH2 HH22 sing N N 37  
ARG OXT HXT  sing N N 38  
ASN N   CA   sing N N 39  
ASN N   H    sing N N 40  
ASN N   H2   sing N N 41  
ASN CA  C    sing N N 42  
ASN CA  CB   sing N N 43  
ASN CA  HA   sing N N 44  
ASN C   O    doub N N 45  
ASN C   OXT  sing N N 46  
ASN CB  CG   sing N N 47  
ASN CB  HB2  sing N N 48  
ASN CB  HB3  sing N N 49  
ASN CG  OD1  doub N N 50  
ASN CG  ND2  sing N N 51  
ASN ND2 HD21 sing N N 52  
ASN ND2 HD22 sing N N 53  
ASN OXT HXT  sing N N 54  
ASP N   CA   sing N N 55  
ASP N   H    sing N N 56  
ASP N   H2   sing N N 57  
ASP CA  C    sing N N 58  
ASP CA  CB   sing N N 59  
ASP CA  HA   sing N N 60  
ASP C   O    doub N N 61  
ASP C   OXT  sing N N 62  
ASP CB  CG   sing N N 63  
ASP CB  HB2  sing N N 64  
ASP CB  HB3  sing N N 65  
ASP CG  OD1  doub N N 66  
ASP CG  OD2  sing N N 67  
ASP OD2 HD2  sing N N 68  
ASP OXT HXT  sing N N 69  
CYS N   CA   sing N N 70  
CYS N   H    sing N N 71  
CYS N   H2   sing N N 72  
CYS CA  C    sing N N 73  
CYS CA  CB   sing N N 74  
CYS CA  HA   sing N N 75  
CYS C   O    doub N N 76  
CYS C   OXT  sing N N 77  
CYS CB  SG   sing N N 78  
CYS CB  HB2  sing N N 79  
CYS CB  HB3  sing N N 80  
CYS SG  HG   sing N N 81  
CYS OXT HXT  sing N N 82  
FES FE1 S1   sing N N 83  
FES FE1 S2   sing N N 84  
FES FE2 S1   sing N N 85  
FES FE2 S2   sing N N 86  
GLU N   CA   sing N N 87  
GLU N   H    sing N N 88  
GLU N   H2   sing N N 89  
GLU CA  C    sing N N 90  
GLU CA  CB   sing N N 91  
GLU CA  HA   sing N N 92  
GLU C   O    doub N N 93  
GLU C   OXT  sing N N 94  
GLU CB  CG   sing N N 95  
GLU CB  HB2  sing N N 96  
GLU CB  HB3  sing N N 97  
GLU CG  CD   sing N N 98  
GLU CG  HG2  sing N N 99  
GLU CG  HG3  sing N N 100 
GLU CD  OE1  doub N N 101 
GLU CD  OE2  sing N N 102 
GLU OE2 HE2  sing N N 103 
GLU OXT HXT  sing N N 104 
GLY N   CA   sing N N 105 
GLY N   H    sing N N 106 
GLY N   H2   sing N N 107 
GLY CA  C    sing N N 108 
GLY CA  HA2  sing N N 109 
GLY CA  HA3  sing N N 110 
GLY C   O    doub N N 111 
GLY C   OXT  sing N N 112 
GLY OXT HXT  sing N N 113 
HIS N   CA   sing N N 114 
HIS N   H    sing N N 115 
HIS N   H2   sing N N 116 
HIS CA  C    sing N N 117 
HIS CA  CB   sing N N 118 
HIS CA  HA   sing N N 119 
HIS C   O    doub N N 120 
HIS C   OXT  sing N N 121 
HIS CB  CG   sing N N 122 
HIS CB  HB2  sing N N 123 
HIS CB  HB3  sing N N 124 
HIS CG  ND1  sing Y N 125 
HIS CG  CD2  doub Y N 126 
HIS ND1 CE1  doub Y N 127 
HIS ND1 HD1  sing N N 128 
HIS CD2 NE2  sing Y N 129 
HIS CD2 HD2  sing N N 130 
HIS CE1 NE2  sing Y N 131 
HIS CE1 HE1  sing N N 132 
HIS NE2 HE2  sing N N 133 
HIS OXT HXT  sing N N 134 
HOH O   H1   sing N N 135 
HOH O   H2   sing N N 136 
ILE N   CA   sing N N 137 
ILE N   H    sing N N 138 
ILE N   H2   sing N N 139 
ILE CA  C    sing N N 140 
ILE CA  CB   sing N N 141 
ILE CA  HA   sing N N 142 
ILE C   O    doub N N 143 
ILE C   OXT  sing N N 144 
ILE CB  CG1  sing N N 145 
ILE CB  CG2  sing N N 146 
ILE CB  HB   sing N N 147 
ILE CG1 CD1  sing N N 148 
ILE CG1 HG12 sing N N 149 
ILE CG1 HG13 sing N N 150 
ILE CG2 HG21 sing N N 151 
ILE CG2 HG22 sing N N 152 
ILE CG2 HG23 sing N N 153 
ILE CD1 HD11 sing N N 154 
ILE CD1 HD12 sing N N 155 
ILE CD1 HD13 sing N N 156 
ILE OXT HXT  sing N N 157 
LEU N   CA   sing N N 158 
LEU N   H    sing N N 159 
LEU N   H2   sing N N 160 
LEU CA  C    sing N N 161 
LEU CA  CB   sing N N 162 
LEU CA  HA   sing N N 163 
LEU C   O    doub N N 164 
LEU C   OXT  sing N N 165 
LEU CB  CG   sing N N 166 
LEU CB  HB2  sing N N 167 
LEU CB  HB3  sing N N 168 
LEU CG  CD1  sing N N 169 
LEU CG  CD2  sing N N 170 
LEU CG  HG   sing N N 171 
LEU CD1 HD11 sing N N 172 
LEU CD1 HD12 sing N N 173 
LEU CD1 HD13 sing N N 174 
LEU CD2 HD21 sing N N 175 
LEU CD2 HD22 sing N N 176 
LEU CD2 HD23 sing N N 177 
LEU OXT HXT  sing N N 178 
LYS N   CA   sing N N 179 
LYS N   H    sing N N 180 
LYS N   H2   sing N N 181 
LYS CA  C    sing N N 182 
LYS CA  CB   sing N N 183 
LYS CA  HA   sing N N 184 
LYS C   O    doub N N 185 
LYS C   OXT  sing N N 186 
LYS CB  CG   sing N N 187 
LYS CB  HB2  sing N N 188 
LYS CB  HB3  sing N N 189 
LYS CG  CD   sing N N 190 
LYS CG  HG2  sing N N 191 
LYS CG  HG3  sing N N 192 
LYS CD  CE   sing N N 193 
LYS CD  HD2  sing N N 194 
LYS CD  HD3  sing N N 195 
LYS CE  NZ   sing N N 196 
LYS CE  HE2  sing N N 197 
LYS CE  HE3  sing N N 198 
LYS NZ  HZ1  sing N N 199 
LYS NZ  HZ2  sing N N 200 
LYS NZ  HZ3  sing N N 201 
LYS OXT HXT  sing N N 202 
MET N   CA   sing N N 203 
MET N   H    sing N N 204 
MET N   H2   sing N N 205 
MET CA  C    sing N N 206 
MET CA  CB   sing N N 207 
MET CA  HA   sing N N 208 
MET C   O    doub N N 209 
MET C   OXT  sing N N 210 
MET CB  CG   sing N N 211 
MET CB  HB2  sing N N 212 
MET CB  HB3  sing N N 213 
MET CG  SD   sing N N 214 
MET CG  HG2  sing N N 215 
MET CG  HG3  sing N N 216 
MET SD  CE   sing N N 217 
MET CE  HE1  sing N N 218 
MET CE  HE2  sing N N 219 
MET CE  HE3  sing N N 220 
MET OXT HXT  sing N N 221 
PHE N   CA   sing N N 222 
PHE N   H    sing N N 223 
PHE N   H2   sing N N 224 
PHE CA  C    sing N N 225 
PHE CA  CB   sing N N 226 
PHE CA  HA   sing N N 227 
PHE C   O    doub N N 228 
PHE C   OXT  sing N N 229 
PHE CB  CG   sing N N 230 
PHE CB  HB2  sing N N 231 
PHE CB  HB3  sing N N 232 
PHE CG  CD1  doub Y N 233 
PHE CG  CD2  sing Y N 234 
PHE CD1 CE1  sing Y N 235 
PHE CD1 HD1  sing N N 236 
PHE CD2 CE2  doub Y N 237 
PHE CD2 HD2  sing N N 238 
PHE CE1 CZ   doub Y N 239 
PHE CE1 HE1  sing N N 240 
PHE CE2 CZ   sing Y N 241 
PHE CE2 HE2  sing N N 242 
PHE CZ  HZ   sing N N 243 
PHE OXT HXT  sing N N 244 
PRO N   CA   sing N N 245 
PRO N   CD   sing N N 246 
PRO N   H    sing N N 247 
PRO CA  C    sing N N 248 
PRO CA  CB   sing N N 249 
PRO CA  HA   sing N N 250 
PRO C   O    doub N N 251 
PRO C   OXT  sing N N 252 
PRO CB  CG   sing N N 253 
PRO CB  HB2  sing N N 254 
PRO CB  HB3  sing N N 255 
PRO CG  CD   sing N N 256 
PRO CG  HG2  sing N N 257 
PRO CG  HG3  sing N N 258 
PRO CD  HD2  sing N N 259 
PRO CD  HD3  sing N N 260 
PRO OXT HXT  sing N N 261 
SER N   CA   sing N N 262 
SER N   H    sing N N 263 
SER N   H2   sing N N 264 
SER CA  C    sing N N 265 
SER CA  CB   sing N N 266 
SER CA  HA   sing N N 267 
SER C   O    doub N N 268 
SER C   OXT  sing N N 269 
SER CB  OG   sing N N 270 
SER CB  HB2  sing N N 271 
SER CB  HB3  sing N N 272 
SER OG  HG   sing N N 273 
SER OXT HXT  sing N N 274 
THR N   CA   sing N N 275 
THR N   H    sing N N 276 
THR N   H2   sing N N 277 
THR CA  C    sing N N 278 
THR CA  CB   sing N N 279 
THR CA  HA   sing N N 280 
THR C   O    doub N N 281 
THR C   OXT  sing N N 282 
THR CB  OG1  sing N N 283 
THR CB  CG2  sing N N 284 
THR CB  HB   sing N N 285 
THR OG1 HG1  sing N N 286 
THR CG2 HG21 sing N N 287 
THR CG2 HG22 sing N N 288 
THR CG2 HG23 sing N N 289 
THR OXT HXT  sing N N 290 
TYR N   CA   sing N N 291 
TYR N   H    sing N N 292 
TYR N   H2   sing N N 293 
TYR CA  C    sing N N 294 
TYR CA  CB   sing N N 295 
TYR CA  HA   sing N N 296 
TYR C   O    doub N N 297 
TYR C   OXT  sing N N 298 
TYR CB  CG   sing N N 299 
TYR CB  HB2  sing N N 300 
TYR CB  HB3  sing N N 301 
TYR CG  CD1  doub Y N 302 
TYR CG  CD2  sing Y N 303 
TYR CD1 CE1  sing Y N 304 
TYR CD1 HD1  sing N N 305 
TYR CD2 CE2  doub Y N 306 
TYR CD2 HD2  sing N N 307 
TYR CE1 CZ   doub Y N 308 
TYR CE1 HE1  sing N N 309 
TYR CE2 CZ   sing Y N 310 
TYR CE2 HE2  sing N N 311 
TYR CZ  OH   sing N N 312 
TYR OH  HH   sing N N 313 
TYR OXT HXT  sing N N 314 
VAL N   CA   sing N N 315 
VAL N   H    sing N N 316 
VAL N   H2   sing N N 317 
VAL CA  C    sing N N 318 
VAL CA  CB   sing N N 319 
VAL CA  HA   sing N N 320 
VAL C   O    doub N N 321 
VAL C   OXT  sing N N 322 
VAL CB  CG1  sing N N 323 
VAL CB  CG2  sing N N 324 
VAL CB  HB   sing N N 325 
VAL CG1 HG11 sing N N 326 
VAL CG1 HG12 sing N N 327 
VAL CG1 HG13 sing N N 328 
VAL CG2 HG21 sing N N 329 
VAL CG2 HG22 sing N N 330 
VAL CG2 HG23 sing N N 331 
VAL OXT HXT  sing N N 332 
# 
_atom_sites.entry_id                    3TBO 
_atom_sites.fract_transf_matrix[1][1]   -0.00720284 
_atom_sites.fract_transf_matrix[1][2]   -0.02146721 
_atom_sites.fract_transf_matrix[1][3]   0.00476249 
_atom_sites.fract_transf_matrix[2][1]   0.00151743 
_atom_sites.fract_transf_matrix[2][2]   -0.00818983 
_atom_sites.fract_transf_matrix[2][3]   0.02158790 
_atom_sites.fract_transf_matrix[3][1]   -0.01986567 
_atom_sites.fract_transf_matrix[3][2]   0.00761627 
_atom_sites.fract_transf_matrix[3][3]   0.00428577 
_atom_sites.fract_transf_vector[1]      -0.211132 
_atom_sites.fract_transf_vector[2]      -0.327079 
_atom_sites.fract_transf_vector[3]      -0.052351 
# 
loop_
_atom_type.symbol 
C  
FE 
N  
O  
S  
# 
loop_
_atom_site.group_PDB 
_atom_site.id 
_atom_site.type_symbol 
_atom_site.label_atom_id 
_atom_site.label_alt_id 
_atom_site.label_comp_id 
_atom_site.label_asym_id 
_atom_site.label_entity_id 
_atom_site.label_seq_id 
_atom_site.pdbx_PDB_ins_code 
_atom_site.Cartn_x 
_atom_site.Cartn_y 
_atom_site.Cartn_z 
_atom_site.occupancy 
_atom_site.B_iso_or_equiv 
_atom_site.pdbx_formal_charge 
_atom_site.auth_seq_id 
_atom_site.auth_comp_id 
_atom_site.auth_asym_id 
_atom_site.auth_atom_id 
_atom_site.pdbx_PDB_model_num 
ATOM   1   N  N   . VAL A 1 3  ? 0.680   12.031  -9.002  1.00 28.23 ? 3   VAL A N   1 
ATOM   2   C  CA  . VAL A 1 3  ? 0.739   11.175  -7.779  1.00 28.00 ? 3   VAL A CA  1 
ATOM   3   C  C   . VAL A 1 3  ? -0.484  10.272  -7.660  1.00 27.62 ? 3   VAL A C   1 
ATOM   4   O  O   . VAL A 1 3  ? -1.632  10.732  -7.666  1.00 27.79 ? 3   VAL A O   1 
ATOM   5   C  CB  . VAL A 1 3  ? 0.910   12.013  -6.501  1.00 28.17 ? 3   VAL A CB  1 
ATOM   6   C  CG1 . VAL A 1 3  ? 1.003   11.111  -5.265  1.00 28.39 ? 3   VAL A CG1 1 
ATOM   7   C  CG2 . VAL A 1 3  ? 2.162   12.886  -6.619  1.00 28.72 ? 3   VAL A CG2 1 
ATOM   8   N  N   . GLU A 1 4  ? -0.227  8.973   -7.563  1.00 26.25 ? 4   GLU A N   1 
ATOM   9   C  CA  . GLU A 1 4  ? -1.290  8.003   -7.434  1.00 25.78 ? 4   GLU A CA  1 
ATOM   10  C  C   . GLU A 1 4  ? -1.044  7.220   -6.170  1.00 24.04 ? 4   GLU A C   1 
ATOM   11  O  O   . GLU A 1 4  ? 0.070   6.762   -5.933  1.00 24.23 ? 4   GLU A O   1 
ATOM   12  C  CB  . GLU A 1 4  ? -1.292  7.044   -8.619  1.00 26.39 ? 4   GLU A CB  1 
ATOM   13  C  CG  . GLU A 1 4  ? -1.279  7.710   -9.980  1.00 31.13 ? 4   GLU A CG  1 
ATOM   14  C  CD  . GLU A 1 4  ? -0.696  6.813   -11.056 1.00 37.20 ? 4   GLU A CD  1 
ATOM   15  O  OE1 . GLU A 1 4  ? -1.140  5.639   -11.159 1.00 39.21 ? 4   GLU A OE1 1 
ATOM   16  O  OE2 . GLU A 1 4  ? 0.205   7.286   -11.797 1.00 39.32 ? 4   GLU A OE2 1 
ATOM   17  N  N   . ILE A 1 5  ? -2.089  7.080   -5.361  1.00 22.32 ? 5   ILE A N   1 
ATOM   18  C  CA  . ILE A 1 5  ? -2.044  6.207   -4.187  1.00 20.83 ? 5   ILE A CA  1 
ATOM   19  C  C   . ILE A 1 5  ? -3.219  5.257   -4.285  1.00 19.98 ? 5   ILE A C   1 
ATOM   20  O  O   . ILE A 1 5  ? -4.369  5.683   -4.430  1.00 19.55 ? 5   ILE A O   1 
ATOM   21  C  CB  . ILE A 1 5  ? -2.163  6.969   -2.864  1.00 20.88 ? 5   ILE A CB  1 
ATOM   22  C  CG1 . ILE A 1 5  ? -1.110  8.073   -2.753  1.00 21.52 ? 5   ILE A CG1 1 
ATOM   23  C  CG2 . ILE A 1 5  ? -2.057  5.982   -1.679  1.00 19.93 ? 5   ILE A CG2 1 
ATOM   24  C  CD1 . ILE A 1 5  ? -1.188  8.881   -1.456  1.00 22.87 ? 5   ILE A CD1 1 
ATOM   25  N  N   . ARG A 1 6  ? -2.936  3.966   -4.186  1.00 19.12 ? 6   ARG A N   1 
ATOM   26  C  CA  . ARG A 1 6  ? -3.974  2.967   -4.155  1.00 18.80 ? 6   ARG A CA  1 
ATOM   27  C  C   . ARG A 1 6  ? -3.641  1.945   -3.074  1.00 17.94 ? 6   ARG A C   1 
ATOM   28  O  O   . ARG A 1 6  ? -2.476  1.724   -2.755  1.00 18.86 ? 6   ARG A O   1 
ATOM   29  C  CB  . ARG A 1 6  ? -4.102  2.258   -5.505  1.00 19.42 ? 6   ARG A CB  1 
ATOM   30  C  CG  . ARG A 1 6  ? -2.850  1.552   -5.931  1.00 23.09 ? 6   ARG A CG  1 
ATOM   31  C  CD  . ARG A 1 6  ? -2.910  1.220   -7.410  1.00 28.79 ? 6   ARG A CD  1 
ATOM   32  N  NE  . ARG A 1 6  ? -3.406  -0.131  -7.621  1.00 32.82 ? 6   ARG A NE  1 
ATOM   33  C  CZ  . ARG A 1 6  ? -2.635  -1.201  -7.786  1.00 33.53 ? 6   ARG A CZ  1 
ATOM   34  N  NH1 . ARG A 1 6  ? -1.313  -1.089  -7.783  1.00 35.02 ? 6   ARG A NH1 1 
ATOM   35  N  NH2 . ARG A 1 6  ? -3.190  -2.386  -7.964  1.00 34.22 ? 6   ARG A NH2 1 
ATOM   36  N  N   . ALA A 1 7  ? -4.673  1.316   -2.538  1.00 16.99 ? 7   ALA A N   1 
ATOM   37  C  CA  . ALA A 1 7  ? -4.501  0.175   -1.658  1.00 16.20 ? 7   ALA A CA  1 
ATOM   38  C  C   . ALA A 1 7  ? -4.545  -1.087  -2.509  1.00 15.62 ? 7   ALA A C   1 
ATOM   39  O  O   . ALA A 1 7  ? -5.467  -1.258  -3.315  1.00 16.79 ? 7   ALA A O   1 
ATOM   40  C  CB  . ALA A 1 7  ? -5.628  0.147   -0.654  1.00 16.02 ? 7   ALA A CB  1 
ATOM   41  N  N   . ILE A 1 8  ? -3.557  -1.963  -2.349  1.00 15.01 ? 8   ILE A N   1 
ATOM   42  C  CA  . ILE A 1 8  ? -3.557  -3.273  -2.985  1.00 14.54 ? 8   ILE A CA  1 
ATOM   43  C  C   . ILE A 1 8  ? -4.369  -4.237  -2.128  1.00 14.28 ? 8   ILE A C   1 
ATOM   44  O  O   . ILE A 1 8  ? -4.274  -4.223  -0.894  1.00 13.42 ? 8   ILE A O   1 
ATOM   45  C  CB  . ILE A 1 8  ? -2.087  -3.783  -3.213  1.00 15.09 ? 8   ILE A CB  1 
ATOM   46  C  CG1 . ILE A 1 8  ? -1.345  -2.797  -4.127  1.00 17.82 ? 8   ILE A CG1 1 
ATOM   47  C  CG2 . ILE A 1 8  ? -2.046  -5.203  -3.774  1.00 15.41 ? 8   ILE A CG2 1 
ATOM   48  C  CD1 . ILE A 1 8  ? 0.147   -3.016  -4.198  1.00 21.62 ? 8   ILE A CD1 1 
ATOM   49  N  N   . GLU A 1 9  ? -5.189  -5.052  -2.769  1.00 14.56 ? 9   GLU A N   1 
ATOM   50  C  CA  . GLU A 1 9  ? -5.969  -6.080  -2.091  1.00 14.87 ? 9   GLU A CA  1 
ATOM   51  C  C   . GLU A 1 9  ? -5.081  -6.961  -1.230  1.00 14.17 ? 9   GLU A C   1 
ATOM   52  O  O   . GLU A 1 9  ? -4.112  -7.564  -1.713  1.00 15.21 ? 9   GLU A O   1 
ATOM   53  C  CB  . GLU A 1 9  ? -6.718  -6.922  -3.119  1.00 15.80 ? 9   GLU A CB  1 
ATOM   54  C  CG  . GLU A 1 9  ? -7.543  -8.026  -2.514  1.00 19.97 ? 9   GLU A CG  1 
ATOM   55  C  CD  . GLU A 1 9  ? -8.339  -8.761  -3.546  1.00 26.57 ? 9   GLU A CD  1 
ATOM   56  O  OE1 . GLU A 1 9  ? -7.735  -9.561  -4.303  1.00 29.30 ? 9   GLU A OE1 1 
ATOM   57  O  OE2 . GLU A 1 9  ? -9.570  -8.533  -3.594  1.00 30.06 ? 9   GLU A OE2 1 
ATOM   58  N  N   . ASN A 1 10 ? -5.418  -7.006  0.064   1.00 13.23 ? 10  ASN A N   1 
ATOM   59  C  CA  . ASN A 1 10 ? -4.742  -7.860  1.037   1.00 12.43 ? 10  ASN A CA  1 
ATOM   60  C  C   . ASN A 1 10 ? -3.255  -7.534  1.132   1.00 12.56 ? 10  ASN A C   1 
ATOM   61  O  O   . ASN A 1 10 ? -2.462  -8.341  1.597   1.00 14.43 ? 10  ASN A O   1 
ATOM   62  C  CB  . ASN A 1 10 ? -4.988  -9.335  0.705   1.00 12.45 ? 10  ASN A CB  1 
ATOM   63  C  CG  . ASN A 1 10 ? -6.477  -9.680  0.646   1.00 14.38 ? 10  ASN A CG  1 
ATOM   64  O  OD1 . ASN A 1 10 ? -7.316  -8.990  1.220   1.00 14.15 ? 10  ASN A OD1 1 
ATOM   65  N  ND2 . ASN A 1 10 ? -6.808  -10.752 -0.052  1.00 16.94 ? 10  ASN A ND2 1 
ATOM   66  N  N   . GLY A 1 11 ? -2.909  -6.322  0.731   1.00 12.27 ? 11  GLY A N   1 
ATOM   67  C  CA  . GLY A 1 11 ? -1.516  -5.925  0.636   1.00 11.49 ? 11  GLY A CA  1 
ATOM   68  C  C   . GLY A 1 11 ? -1.291  -4.467  0.962   1.00 11.62 ? 11  GLY A C   1 
ATOM   69  O  O   . GLY A 1 11 ? -2.105  -3.835  1.623   1.00 11.37 ? 11  GLY A O   1 
ATOM   70  N  N   . PRO A 1 12 ? -0.184  -3.913  0.476   1.00 11.23 ? 12  PRO A N   1 
ATOM   71  C  CA  . PRO A 1 12 ? 0.257   -2.578  0.890   1.00 10.76 ? 12  PRO A CA  1 
ATOM   72  C  C   . PRO A 1 12 ? -0.430  -1.436  0.159   1.00 10.97 ? 12  PRO A C   1 
ATOM   73  O  O   . PRO A 1 12 ? -1.213  -1.679  -0.766  1.00 12.32 ? 12  PRO A O   1 
ATOM   74  C  CB  . PRO A 1 12 ? 1.760   -2.609  0.557   1.00 10.85 ? 12  PRO A CB  1 
ATOM   75  C  CG  . PRO A 1 12 ? 1.822   -3.517  -0.655  1.00 11.63 ? 12  PRO A CG  1 
ATOM   76  C  CD  . PRO A 1 12 ? 0.815   -4.604  -0.372  1.00 12.18 ? 12  PRO A CD  1 
ATOM   77  N  N   . TYR A 1 13 ? -0.149  -0.209  0.586   1.00 11.15 ? 13  TYR A N   1 
ATOM   78  C  CA  . TYR A 1 13 ? -0.401  0.948   -0.276  1.00 11.84 ? 13  TYR A CA  1 
ATOM   79  C  C   . TYR A 1 13 ? 0.669   1.055   -1.353  1.00 13.02 ? 13  TYR A C   1 
ATOM   80  O  O   . TYR A 1 13 ? 1.855   0.948   -1.077  1.00 14.07 ? 13  TYR A O   1 
ATOM   81  C  CB  . TYR A 1 13 ? -0.442  2.258   0.510   1.00 11.83 ? 13  TYR A CB  1 
ATOM   82  C  CG  . TYR A 1 13 ? -1.477  2.303   1.604   1.00 10.08 ? 13  TYR A CG  1 
ATOM   83  C  CD1 . TYR A 1 13 ? -2.836  2.281   1.299   1.00 11.22 ? 13  TYR A CD1 1 
ATOM   84  C  CD2 . TYR A 1 13 ? -1.102  2.379   2.933   1.00 10.87 ? 13  TYR A CD2 1 
ATOM   85  C  CE1 . TYR A 1 13 ? -3.795  2.327   2.303   1.00 11.64 ? 13  TYR A CE1 1 
ATOM   86  C  CE2 . TYR A 1 13 ? -2.047  2.422   3.958   1.00 10.29 ? 13  TYR A CE2 1 
ATOM   87  C  CZ  . TYR A 1 13 ? -3.388  2.384   3.626   1.00 10.50 ? 13  TYR A CZ  1 
ATOM   88  O  OH  . TYR A 1 13 ? -4.348  2.416   4.597   1.00 10.84 ? 13  TYR A OH  1 
ATOM   89  N  N   . GLU A 1 14 ? 0.248   1.294   -2.582  1.00 13.67 ? 14  GLU A N   1 
ATOM   90  C  CA  . GLU A 1 14 ? 1.178   1.638   -3.652  1.00 15.57 ? 14  GLU A CA  1 
ATOM   91  C  C   . GLU A 1 14 ? 1.150   3.140   -3.866  1.00 15.94 ? 14  GLU A C   1 
ATOM   92  O  O   . GLU A 1 14 ? 0.088   3.724   -4.113  1.00 17.22 ? 14  GLU A O   1 
ATOM   93  C  CB  . GLU A 1 14 ? 0.792   0.939   -4.932  1.00 15.95 ? 14  GLU A CB  1 
ATOM   94  C  CG  . GLU A 1 14 ? 1.693   1.268   -6.109  1.00 18.55 ? 14  GLU A CG  1 
ATOM   95  C  CD  . GLU A 1 14 ? 1.194   0.609   -7.365  1.00 21.49 ? 14  GLU A CD  1 
ATOM   96  O  OE1 . GLU A 1 14 ? 0.188   1.098   -7.922  1.00 26.77 ? 14  GLU A OE1 1 
ATOM   97  O  OE2 . GLU A 1 14 ? 1.788   -0.410  -7.784  1.00 24.92 ? 14  GLU A OE2 1 
ATOM   98  N  N   . VAL A 1 15 ? 2.309   3.767   -3.747  1.00 17.08 ? 15  VAL A N   1 
ATOM   99  C  CA  . VAL A 1 15 ? 2.425   5.196   -3.993  1.00 18.98 ? 15  VAL A CA  1 
ATOM   100 C  C   . VAL A 1 15 ? 3.296   5.366   -5.233  1.00 20.60 ? 15  VAL A C   1 
ATOM   101 O  O   . VAL A 1 15 ? 4.476   4.992   -5.241  1.00 21.21 ? 15  VAL A O   1 
ATOM   102 C  CB  . VAL A 1 15 ? 3.015   5.926   -2.777  1.00 18.81 ? 15  VAL A CB  1 
ATOM   103 C  CG1 . VAL A 1 15 ? 3.126   7.418   -3.053  1.00 20.28 ? 15  VAL A CG1 1 
ATOM   104 C  CG2 . VAL A 1 15 ? 2.147   5.661   -1.520  1.00 19.60 ? 15  VAL A CG2 1 
ATOM   105 N  N   . LYS A 1 16 ? 2.685   5.894   -6.289  1.00 22.89 ? 16  LYS A N   1 
ATOM   106 C  CA  . LYS A 1 16 ? 3.359   6.110   -7.563  1.00 25.22 ? 16  LYS A CA  1 
ATOM   107 C  C   . LYS A 1 16 ? 3.571   7.608   -7.783  1.00 26.63 ? 16  LYS A C   1 
ATOM   108 O  O   . LYS A 1 16 ? 2.601   8.383   -7.783  1.00 26.54 ? 16  LYS A O   1 
ATOM   109 C  CB  . LYS A 1 16 ? 2.513   5.554   -8.704  1.00 25.41 ? 16  LYS A CB  1 
ATOM   110 C  CG  . LYS A 1 16 ? 2.784   4.125   -9.117  1.00 27.43 ? 16  LYS A CG  1 
ATOM   111 C  CD  . LYS A 1 16 ? 2.375   3.972   -10.582 1.00 31.80 ? 16  LYS A CD  1 
ATOM   112 C  CE  . LYS A 1 16 ? 2.842   2.675   -11.225 1.00 34.84 ? 16  LYS A CE  1 
ATOM   113 N  NZ  . LYS A 1 16 ? 1.901   1.542   -10.973 1.00 37.57 ? 16  LYS A NZ  1 
ATOM   114 N  N   . ILE A 1 17 ? 4.827   8.025   -7.952  1.00 28.48 ? 17  ILE A N   1 
ATOM   115 C  CA  . ILE A 1 17 ? 5.087   9.420   -8.362  1.00 30.45 ? 17  ILE A CA  1 
ATOM   116 C  C   . ILE A 1 17 ? 5.701   9.586   -9.767  1.00 31.12 ? 17  ILE A C   1 
ATOM   117 O  O   . ILE A 1 17 ? 6.648   8.889   -10.152 1.00 32.23 ? 17  ILE A O   1 
ATOM   118 C  CB  . ILE A 1 17 ? 5.864   10.265  -7.290  1.00 30.85 ? 17  ILE A CB  1 
ATOM   119 C  CG1 . ILE A 1 17 ? 7.397   10.177  -7.456  1.00 32.38 ? 17  ILE A CG1 1 
ATOM   120 C  CG2 . ILE A 1 17 ? 5.335   10.004  -5.846  1.00 31.13 ? 17  ILE A CG2 1 
ATOM   121 C  CD1 . ILE A 1 17 ? 8.019   8.773   -7.398  1.00 34.46 ? 17  ILE A CD1 1 
ATOM   122 N  N   . ALA A 1 21 ? 7.591   4.054   -7.830  1.00 24.02 ? 21  ALA A N   1 
ATOM   123 C  CA  . ALA A 1 21 ? 6.657   3.326   -6.957  1.00 23.11 ? 21  ALA A CA  1 
ATOM   124 C  C   . ALA A 1 21 ? 7.291   2.872   -5.657  1.00 22.34 ? 21  ALA A C   1 
ATOM   125 O  O   . ALA A 1 21 ? 8.370   2.285   -5.648  1.00 23.10 ? 21  ALA A O   1 
ATOM   126 C  CB  . ALA A 1 21 ? 6.056   2.122   -7.685  1.00 23.61 ? 21  ALA A CB  1 
ATOM   127 N  N   . ILE A 1 22 ? 6.606   3.160   -4.555  1.00 20.65 ? 22  ILE A N   1 
ATOM   128 C  CA  . ILE A 1 22 ? 6.965   2.584   -3.262  1.00 19.81 ? 22  ILE A CA  1 
ATOM   129 C  C   . ILE A 1 22 ? 5.733   1.932   -2.653  1.00 18.05 ? 22  ILE A C   1 
ATOM   130 O  O   . ILE A 1 22 ? 4.585   2.282   -2.988  1.00 18.21 ? 22  ILE A O   1 
ATOM   131 C  CB  . ILE A 1 22 ? 7.548   3.615   -2.279  1.00 20.56 ? 22  ILE A CB  1 
ATOM   132 C  CG1 . ILE A 1 22 ? 6.530   4.715   -1.961  1.00 21.17 ? 22  ILE A CG1 1 
ATOM   133 C  CG2 . ILE A 1 22 ? 8.856   4.192   -2.830  1.00 21.75 ? 22  ILE A CG2 1 
ATOM   134 C  CD1 . ILE A 1 22 ? 7.000   5.680   -0.901  1.00 23.70 ? 22  ILE A CD1 1 
ATOM   135 N  N   . TYR A 1 23 ? 5.992   0.984   -1.765  1.00 16.70 ? 23  TYR A N   1 
ATOM   136 C  CA  . TYR A 1 23 ? 4.960   0.150   -1.158  1.00 14.88 ? 23  TYR A CA  1 
ATOM   137 C  C   . TYR A 1 23 ? 5.026   0.285   0.342   1.00 14.46 ? 23  TYR A C   1 
ATOM   138 O  O   . TYR A 1 23 ? 6.026   -0.074  0.972   1.00 15.00 ? 23  TYR A O   1 
ATOM   139 C  CB  . TYR A 1 23 ? 5.100   -1.305  -1.639  1.00 15.70 ? 23  TYR A CB  1 
ATOM   140 C  CG  . TYR A 1 23 ? 4.923   -1.396  -3.122  1.00 16.62 ? 23  TYR A CG  1 
ATOM   141 C  CD1 . TYR A 1 23 ? 3.660   -1.582  -3.672  1.00 18.03 ? 23  TYR A CD1 1 
ATOM   142 C  CD2 . TYR A 1 23 ? 6.007   -1.189  -3.987  1.00 19.05 ? 23  TYR A CD2 1 
ATOM   143 C  CE1 . TYR A 1 23 ? 3.481   -1.607  -5.034  1.00 20.56 ? 23  TYR A CE1 1 
ATOM   144 C  CE2 . TYR A 1 23 ? 5.832   -1.211  -5.357  1.00 21.01 ? 23  TYR A CE2 1 
ATOM   145 C  CZ  . TYR A 1 23 ? 4.570   -1.417  -5.869  1.00 21.97 ? 23  TYR A CZ  1 
ATOM   146 O  OH  . TYR A 1 23 ? 4.383   -1.454  -7.235  1.00 25.78 ? 23  TYR A OH  1 
ATOM   147 N  N   . LEU A 1 24 ? 3.947   0.822   0.899   1.00 12.59 ? 24  LEU A N   1 
ATOM   148 C  CA  . LEU A 1 24 ? 3.853   1.089   2.324   1.00 12.03 ? 24  LEU A CA  1 
ATOM   149 C  C   . LEU A 1 24 ? 2.979   0.070   3.047   1.00 10.82 ? 24  LEU A C   1 
ATOM   150 O  O   . LEU A 1 24 ? 1.825   -0.218  2.658   1.00 11.80 ? 24  LEU A O   1 
ATOM   151 C  CB  . LEU A 1 24 ? 3.353   2.514   2.583   1.00 12.44 ? 24  LEU A CB  1 
ATOM   152 C  CG  . LEU A 1 24 ? 4.159   3.669   1.979   1.00 13.65 ? 24  LEU A CG  1 
ATOM   153 C  CD1 . LEU A 1 24 ? 3.414   4.965   2.122   1.00 16.18 ? 24  LEU A CD1 1 
ATOM   154 C  CD2 . LEU A 1 24 ? 5.563   3.743   2.610   1.00 16.04 ? 24  LEU A CD2 1 
ATOM   155 N  N   . CYS A 1 25 ? 3.549   -0.494  4.109   1.00 10.54 ? 25  CYS A N   1 
ATOM   156 C  CA  . CYS A 1 25 ? 2.833   -1.477  4.916   1.00 9.26  ? 25  CYS A CA  1 
ATOM   157 C  C   . CYS A 1 25 ? 1.535   -0.910  5.518   1.00 8.60  ? 25  CYS A C   1 
ATOM   158 O  O   . CYS A 1 25 ? 1.498   0.196   6.070   1.00 9.92  ? 25  CYS A O   1 
ATOM   159 C  CB  . CYS A 1 25 ? 3.744   -2.014  6.035   1.00 8.25  ? 25  CYS A CB  1 
ATOM   160 S  SG  . CYS A 1 25 ? 2.960   -3.217  7.143   1.00 8.78  ? 25  CYS A SG  1 
ATOM   161 N  N   . ARG A 1 26 ? 0.473   -1.699  5.410   1.00 8.86  ? 26  ARG A N   1 
ATOM   162 C  CA  . ARG A 1 26 ? -0.777  -1.337  6.068   1.00 9.35  ? 26  ARG A CA  1 
ATOM   163 C  C   . ARG A 1 26 ? -1.325  -2.425  6.979   1.00 9.32  ? 26  ARG A C   1 
ATOM   164 O  O   . ARG A 1 26 ? -2.381  -2.260  7.540   1.00 9.01  ? 26  ARG A O   1 
ATOM   165 C  CB  . ARG A 1 26 ? -1.813  -0.802  5.068   1.00 10.74 ? 26  ARG A CB  1 
ATOM   166 C  CG  . ARG A 1 26 ? -2.476  -1.829  4.235   1.00 10.49 ? 26  ARG A CG  1 
ATOM   167 C  CD  . ARG A 1 26 ? -3.490  -1.172  3.333   1.00 12.77 ? 26  ARG A CD  1 
ATOM   168 N  NE  . ARG A 1 26 ? -4.086  -2.087  2.378   1.00 11.67 ? 26  ARG A NE  1 
ATOM   169 C  CZ  . ARG A 1 26 ? -5.376  -2.114  2.063   1.00 10.89 ? 26  ARG A CZ  1 
ATOM   170 N  NH1 . ARG A 1 26 ? -5.804  -2.949  1.125   1.00 11.83 ? 26  ARG A NH1 1 
ATOM   171 N  NH2 . ARG A 1 26 ? -6.236  -1.320  2.701   1.00 10.52 ? 26  ARG A NH2 1 
ATOM   172 N  N   . CYS A 1 27 ? -0.610  -3.541  7.098   1.00 9.17  ? 27  CYS A N   1 
ATOM   173 C  CA  . CYS A 1 27 ? -1.013  -4.645  7.980   1.00 9.19  ? 27  CYS A CA  1 
ATOM   174 C  C   . CYS A 1 27 ? -0.491  -4.489  9.415   1.00 8.76  ? 27  CYS A C   1 
ATOM   175 O  O   . CYS A 1 27 ? -1.038  -5.090  10.340  1.00 8.35  ? 27  CYS A O   1 
ATOM   176 C  CB  . CYS A 1 27 ? -0.616  -6.019  7.407   1.00 9.15  ? 27  CYS A CB  1 
ATOM   177 S  SG  . CYS A 1 27 ? 1.187   -6.399  7.436   1.00 8.93  ? 27  CYS A SG  1 
ATOM   178 N  N   . GLY A 1 28 ? 0.581   -3.718  9.587   1.00 8.93  ? 28  GLY A N   1 
ATOM   179 C  CA  . GLY A 1 28 ? 1.181   -3.490  10.883  1.00 9.47  ? 28  GLY A CA  1 
ATOM   180 C  C   . GLY A 1 28 ? 2.357   -4.384  11.218  1.00 9.83  ? 28  GLY A C   1 
ATOM   181 O  O   . GLY A 1 28 ? 2.995   -4.169  12.258  1.00 11.35 ? 28  GLY A O   1 
ATOM   182 N  N   . HIS A 1 29 ? 2.698   -5.331  10.349  1.00 9.26  ? 29  HIS A N   1 
ATOM   183 C  CA  . HIS A 1 29 ? 3.619   -6.405  10.731  1.00 8.99  ? 29  HIS A CA  1 
ATOM   184 C  C   . HIS A 1 29 ? 4.895   -6.517  9.909   1.00 8.65  ? 29  HIS A C   1 
ATOM   185 O  O   . HIS A 1 29 ? 5.677   -7.435  10.114  1.00 9.04  ? 29  HIS A O   1 
ATOM   186 C  CB  . HIS A 1 29 ? 2.868   -7.726  10.756  1.00 8.84  ? 29  HIS A CB  1 
ATOM   187 C  CG  . HIS A 1 29 ? 1.811   -7.750  11.793  1.00 8.12  ? 29  HIS A CG  1 
ATOM   188 N  ND1 . HIS A 1 29 ? 2.102   -7.875  13.128  1.00 9.41  ? 29  HIS A ND1 1 
ATOM   189 C  CD2 . HIS A 1 29 ? 0.466   -7.613  11.701  1.00 8.63  ? 29  HIS A CD2 1 
ATOM   190 C  CE1 . HIS A 1 29 ? 0.982   -7.810  13.832  1.00 9.74  ? 29  HIS A CE1 1 
ATOM   191 N  NE2 . HIS A 1 29 ? -0.023  -7.660  12.984  1.00 10.83 ? 29  HIS A NE2 1 
ATOM   192 N  N   . SER A 1 30 ? 5.123   -5.594  8.981   1.00 7.93  ? 30  SER A N   1 
ATOM   193 C  CA  . SER A 1 30 ? 6.388   -5.617  8.253   1.00 8.64  ? 30  SER A CA  1 
ATOM   194 C  C   . SER A 1 30 ? 7.581   -5.566  9.208   1.00 8.54  ? 30  SER A C   1 
ATOM   195 O  O   . SER A 1 30 ? 7.557   -4.904  10.250  1.00 8.27  ? 30  SER A O   1 
ATOM   196 C  CB  . SER A 1 30 ? 6.461   -4.433  7.285   1.00 9.10  ? 30  SER A CB  1 
ATOM   197 O  OG  . SER A 1 30 ? 7.695   -4.482  6.568   1.00 9.96  ? 30  SER A OG  1 
ATOM   198 N  N   . GLY A 1 31 ? 8.626   -6.275  8.797   1.00 9.38  ? 31  GLY A N   1 
ATOM   199 C  CA  . GLY A 1 31 ? 9.925   -6.216  9.468   1.00 10.23 ? 31  GLY A CA  1 
ATOM   200 C  C   . GLY A 1 31 ? 10.704  -4.964  9.103   1.00 9.91  ? 31  GLY A C   1 
ATOM   201 O  O   . GLY A 1 31 ? 11.716  -4.639  9.737   1.00 10.89 ? 31  GLY A O   1 
ATOM   202 N  N   . SER A 1 32 ? 10.238  -4.241  8.089   1.00 10.15 ? 32  SER A N   1 
ATOM   203 C  CA  . SER A 1 32 ? 10.920  -3.046  7.631   1.00 11.45 ? 32  SER A CA  1 
ATOM   204 C  C   . SER A 1 32 ? 9.987   -1.851  7.510   1.00 11.18 ? 32  SER A C   1 
ATOM   205 O  O   . SER A 1 32 ? 10.079  -1.093  6.524   1.00 11.60 ? 32  SER A O   1 
ATOM   206 C  CB  . SER A 1 32 ? 11.572  -3.302  6.287   1.00 11.65 ? 32  SER A CB  1 
ATOM   207 O  OG  . SER A 1 32 ? 10.622  -3.753  5.349   1.00 14.71 ? 32  SER A OG  1 
ATOM   208 N  N   . LYS A 1 33 ? 9.131   -1.639  8.511   1.00 11.09 ? 33  LYS A N   1 
ATOM   209 C  CA  . LYS A 1 33 ? 8.198   -0.505  8.470   1.00 11.25 ? 33  LYS A CA  1 
ATOM   210 C  C   . LYS A 1 33 ? 8.979   0.799   8.210   1.00 11.50 ? 33  LYS A C   1 
ATOM   211 O  O   . LYS A 1 33 ? 10.047  0.992   8.790   1.00 12.94 ? 33  LYS A O   1 
ATOM   212 C  CB  . LYS A 1 33 ? 7.377   -0.406  9.770   1.00 10.78 ? 33  LYS A CB  1 
ATOM   213 C  CG  . LYS A 1 33 ? 6.214   -1.416  9.853   1.00 10.94 ? 33  LYS A CG  1 
ATOM   214 C  CD  . LYS A 1 33 ? 5.389   -1.290  11.130  1.00 12.30 ? 33  LYS A CD  1 
ATOM   215 C  CE  . LYS A 1 33 ? 6.068   -1.989  12.303  1.00 12.29 ? 33  LYS A CE  1 
ATOM   216 N  NZ  . LYS A 1 33 ? 5.979   -3.486  12.256  1.00 11.67 ? 33  LYS A NZ  1 
ATOM   217 N  N   . PRO A 1 34 ? 8.433   1.707   7.393   1.00 11.51 ? 34  PRO A N   1 
ATOM   218 C  CA  . PRO A 1 34 ? 7.073   1.648   6.827   1.00 11.59 ? 34  PRO A CA  1 
ATOM   219 C  C   . PRO A 1 34 ? 6.941   0.918   5.510   1.00 11.92 ? 34  PRO A C   1 
ATOM   220 O  O   . PRO A 1 34 ? 5.875   0.934   4.926   1.00 12.15 ? 34  PRO A O   1 
ATOM   221 C  CB  . PRO A 1 34 ? 6.731   3.125   6.600   1.00 12.28 ? 34  PRO A CB  1 
ATOM   222 C  CG  . PRO A 1 34 ? 8.076   3.728   6.254   1.00 12.38 ? 34  PRO A CG  1 
ATOM   223 C  CD  . PRO A 1 34 ? 9.067   3.024   7.172   1.00 11.66 ? 34  PRO A CD  1 
ATOM   224 N  N   . HIS A 1 35 ? 8.007   0.304   5.025   1.00 12.06 ? 35  HIS A N   1 
ATOM   225 C  CA  . HIS A 1 35 ? 7.963   -0.359  3.742   1.00 12.33 ? 35  HIS A CA  1 
ATOM   226 C  C   . HIS A 1 35 ? 7.435   -1.771  3.862   1.00 12.64 ? 35  HIS A C   1 
ATOM   227 O  O   . HIS A 1 35 ? 7.770   -2.479  4.810   1.00 14.13 ? 35  HIS A O   1 
ATOM   228 C  CB  . HIS A 1 35 ? 9.336   -0.278  3.060   1.00 13.72 ? 35  HIS A CB  1 
ATOM   229 C  CG  . HIS A 1 35 ? 9.714   1.127   2.701   1.00 15.95 ? 35  HIS A CG  1 
ATOM   230 N  ND1 . HIS A 1 35 ? 9.210   1.774   1.586   1.00 19.76 ? 35  HIS A ND1 1 
ATOM   231 C  CD2 . HIS A 1 35 ? 10.503  2.025   3.336   1.00 17.04 ? 35  HIS A CD2 1 
ATOM   232 C  CE1 . HIS A 1 35 ? 9.684   3.010   1.556   1.00 19.19 ? 35  HIS A CE1 1 
ATOM   233 N  NE2 . HIS A 1 35 ? 10.480  3.181   2.596   1.00 17.84 ? 35  HIS A NE2 1 
ATOM   234 N  N   . CYS A 1 36 ? 6.558   -2.172  2.947   1.00 12.48 ? 36  CYS A N   1 
ATOM   235 C  CA  . CYS A 1 36 ? 6.066   -3.543  2.885   1.00 12.74 ? 36  CYS A CA  1 
ATOM   236 C  C   . CYS A 1 36 ? 7.187   -4.539  2.594   1.00 12.57 ? 36  CYS A C   1 
ATOM   237 O  O   . CYS A 1 36 ? 8.031   -4.284  1.709   1.00 13.74 ? 36  CYS A O   1 
ATOM   238 C  CB  . CYS A 1 36 ? 4.991   -3.617  1.797   1.00 12.78 ? 36  CYS A CB  1 
ATOM   239 S  SG  . CYS A 1 36 ? 4.252   -5.245  1.477   1.00 11.86 ? 36  CYS A SG  1 
ATOM   240 N  N   . ASP A 1 37 ? 7.209   -5.653  3.337   1.00 11.12 ? 37  ASP A N   1 
ATOM   241 C  CA  . ASP A 1 37 ? 8.139   -6.764  3.043   1.00 10.87 ? 37  ASP A CA  1 
ATOM   242 C  C   . ASP A 1 37 ? 7.425   -8.091  2.751   1.00 10.86 ? 37  ASP A C   1 
ATOM   243 O  O   . ASP A 1 37 ? 8.042   -9.163  2.780   1.00 12.40 ? 37  ASP A O   1 
ATOM   244 C  CB  . ASP A 1 37 ? 9.164   -6.921  4.175   1.00 10.91 ? 37  ASP A CB  1 
ATOM   245 C  CG  . ASP A 1 37 ? 8.551   -7.476  5.453   1.00 11.31 ? 37  ASP A CG  1 
ATOM   246 O  OD1 . ASP A 1 37 ? 7.317   -7.656  5.466   1.00 11.25 ? 37  ASP A OD1 1 
ATOM   247 O  OD2 . ASP A 1 37 ? 9.281   -7.736  6.438   1.00 12.69 ? 37  ASP A OD2 1 
ATOM   248 N  N   . GLY A 1 38 ? 6.119   -8.026  2.453   1.00 10.92 ? 38  GLY A N   1 
ATOM   249 C  CA  . GLY A 1 38 ? 5.366   -9.242  2.159   1.00 11.08 ? 38  GLY A CA  1 
ATOM   250 C  C   . GLY A 1 38 ? 4.774   -9.952  3.364   1.00 10.99 ? 38  GLY A C   1 
ATOM   251 O  O   . GLY A 1 38 ? 4.105   -10.987 3.195   1.00 12.90 ? 38  GLY A O   1 
ATOM   252 N  N   . THR A 1 39 ? 4.995   -9.438  4.576   1.00 10.08 ? 39  THR A N   1 
ATOM   253 C  CA  . THR A 1 39 ? 4.459   -10.106 5.758   1.00 10.05 ? 39  THR A CA  1 
ATOM   254 C  C   . THR A 1 39 ? 2.928   -10.189 5.768   1.00 10.15 ? 39  THR A C   1 
ATOM   255 O  O   . THR A 1 39 ? 2.377   -11.120 6.331   1.00 10.69 ? 39  THR A O   1 
ATOM   256 C  CB  . THR A 1 39 ? 4.963   -9.441  7.047   1.00 9.54  ? 39  THR A CB  1 
ATOM   257 O  OG1 . THR A 1 39 ? 6.394   -9.472  7.050   1.00 11.07 ? 39  THR A OG1 1 
ATOM   258 C  CG2 . THR A 1 39 ? 4.503   -10.173 8.266   1.00 11.61 ? 39  THR A CG2 1 
ATOM   259 N  N   . HIS A 1 40 ? 2.271   -9.239  5.123   1.00 10.34 ? 40  HIS A N   1 
ATOM   260 C  CA  . HIS A 1 40 ? 0.799   -9.267  5.002   1.00 10.12 ? 40  HIS A CA  1 
ATOM   261 C  C   . HIS A 1 40 ? 0.249   -10.641 4.607   1.00 10.50 ? 40  HIS A C   1 
ATOM   262 O  O   . HIS A 1 40 ? -0.754  -11.066 5.149   1.00 11.77 ? 40  HIS A O   1 
ATOM   263 C  CB  . HIS A 1 40 ? 0.322   -8.174  4.055   1.00 11.03 ? 40  HIS A CB  1 
ATOM   264 C  CG  . HIS A 1 40 ? 0.924   -8.252  2.690   1.00 10.62 ? 40  HIS A CG  1 
ATOM   265 N  ND1 . HIS A 1 40 ? 1.974   -7.455  2.288   1.00 10.20 ? 40  HIS A ND1 1 
ATOM   266 C  CD2 . HIS A 1 40 ? 0.638   -9.053  1.641   1.00 12.32 ? 40  HIS A CD2 1 
ATOM   267 C  CE1 . HIS A 1 40 ? 2.302   -7.760  1.044   1.00 10.57 ? 40  HIS A CE1 1 
ATOM   268 N  NE2 . HIS A 1 40 ? 1.502   -8.723  0.630   1.00 12.09 ? 40  HIS A NE2 1 
ATOM   269 N  N   . ALA A 1 41 ? 0.920   -11.325 3.681   1.00 11.83 ? 41  ALA A N   1 
ATOM   270 C  CA  . ALA A 1 41 ? 0.436   -12.630 3.222   1.00 13.25 ? 41  ALA A CA  1 
ATOM   271 C  C   . ALA A 1 41 ? 0.561   -13.711 4.281   1.00 14.77 ? 41  ALA A C   1 
ATOM   272 O  O   . ALA A 1 41 ? -0.258  -14.625 4.341   1.00 17.30 ? 41  ALA A O   1 
ATOM   273 C  CB  . ALA A 1 41 ? 1.155   -13.040 1.972   1.00 12.89 ? 41  ALA A CB  1 
ATOM   274 N  N   . LYS A 1 42 ? 1.595   -13.620 5.109   1.00 14.76 ? 42  LYS A N   1 
ATOM   275 C  CA  . LYS A 1 42 ? 1.821   -14.627 6.134   1.00 14.99 ? 42  LYS A CA  1 
ATOM   276 C  C   . LYS A 1 42 ? 0.864   -14.466 7.300   1.00 15.28 ? 42  LYS A C   1 
ATOM   277 O  O   . LYS A 1 42 ? 0.445   -15.449 7.893   1.00 17.40 ? 42  LYS A O   1 
ATOM   278 C  CB  . LYS A 1 42 ? 3.256   -14.558 6.636   1.00 15.45 ? 42  LYS A CB  1 
ATOM   279 C  CG  . LYS A 1 42 ? 4.301   -14.723 5.543   1.00 16.08 ? 42  LYS A CG  1 
ATOM   280 C  CD  . LYS A 1 42 ? 5.718   -14.582 6.095   1.00 21.15 ? 42  LYS A CD  1 
ATOM   281 C  CE  . LYS A 1 42 ? 6.742   -14.857 5.017   1.00 24.60 ? 42  LYS A CE  1 
ATOM   282 N  NZ  . LYS A 1 42 ? 7.084   -16.310 4.928   1.00 28.81 ? 42  LYS A NZ  1 
ATOM   283 N  N   . VAL A 1 43 ? 0.525   -13.225 7.641   1.00 14.84 ? 43  VAL A N   1 
ATOM   284 C  CA  . VAL A 1 43 ? -0.361  -12.985 8.777   1.00 14.37 ? 43  VAL A CA  1 
ATOM   285 C  C   . VAL A 1 43 ? -1.829  -13.033 8.382   1.00 14.31 ? 43  VAL A C   1 
ATOM   286 O  O   . VAL A 1 43 ? -2.697  -12.906 9.235   1.00 16.75 ? 43  VAL A O   1 
ATOM   287 C  CB  . VAL A 1 43 ? -0.062  -11.639 9.521   1.00 13.62 ? 43  VAL A CB  1 
ATOM   288 C  CG1 . VAL A 1 43 ? 1.298   -11.680 10.164  1.00 14.13 ? 43  VAL A CG1 1 
ATOM   289 C  CG2 . VAL A 1 43 ? -0.188  -10.421 8.610   1.00 13.11 ? 43  VAL A CG2 1 
ATOM   290 N  N   . GLY A 1 44 ? -2.108  -13.159 7.086   1.00 13.80 ? 44  GLY A N   1 
ATOM   291 C  CA  . GLY A 1 44 ? -3.487  -13.340 6.613   1.00 13.80 ? 44  GLY A CA  1 
ATOM   292 C  C   . GLY A 1 44 ? -4.288  -12.047 6.591   1.00 13.32 ? 44  GLY A C   1 
ATOM   293 O  O   . GLY A 1 44 ? -5.504  -12.081 6.739   1.00 12.39 ? 44  GLY A O   1 
ATOM   294 N  N   . PHE A 1 45 ? -3.603  -10.915 6.452   1.00 11.76 ? 45  PHE A N   1 
ATOM   295 C  CA  . PHE A 1 45 ? -4.247  -9.603  6.347   1.00 10.49 ? 45  PHE A CA  1 
ATOM   296 C  C   . PHE A 1 45 ? -5.279  -9.569  5.227   1.00 11.01 ? 45  PHE A C   1 
ATOM   297 O  O   . PHE A 1 45 ? -5.003  -10.032 4.123   1.00 11.73 ? 45  PHE A O   1 
ATOM   298 C  CB  . PHE A 1 45 ? -3.184  -8.513  6.153   1.00 10.30 ? 45  PHE A CB  1 
ATOM   299 C  CG  . PHE A 1 45 ? -3.761  -7.128  5.951   1.00 9.74  ? 45  PHE A CG  1 
ATOM   300 C  CD1 . PHE A 1 45 ? -3.549  -6.445  4.758   1.00 9.83  ? 45  PHE A CD1 1 
ATOM   301 C  CD2 . PHE A 1 45 ? -4.506  -6.500  6.970   1.00 9.56  ? 45  PHE A CD2 1 
ATOM   302 C  CE1 . PHE A 1 45 ? -4.084  -5.186  4.557   1.00 9.44  ? 45  PHE A CE1 1 
ATOM   303 C  CE2 . PHE A 1 45 ? -5.048  -5.242  6.772   1.00 9.60  ? 45  PHE A CE2 1 
ATOM   304 C  CZ  . PHE A 1 45 ? -4.827  -4.577  5.570   1.00 9.45  ? 45  PHE A CZ  1 
ATOM   305 N  N   . LYS A 1 46 ? -6.453  -9.014  5.512   1.00 10.45 ? 46  LYS A N   1 
ATOM   306 C  CA  . LYS A 1 46 ? -7.498  -8.880  4.500   1.00 10.75 ? 46  LYS A CA  1 
ATOM   307 C  C   . LYS A 1 46 ? -8.016  -7.468  4.458   1.00 10.97 ? 46  LYS A C   1 
ATOM   308 O  O   . LYS A 1 46 ? -8.423  -6.908  5.480   1.00 11.95 ? 46  LYS A O   1 
ATOM   309 C  CB  . LYS A 1 46 ? -8.677  -9.824  4.774   1.00 11.78 ? 46  LYS A CB  1 
ATOM   310 C  CG  . LYS A 1 46 ? -8.360  -11.273 4.776   1.00 12.46 ? 46  LYS A CG  1 
ATOM   311 C  CD  . LYS A 1 46 ? -7.860  -11.760 3.424   1.00 14.48 ? 46  LYS A CD  1 
ATOM   312 C  CE  . LYS A 1 46 ? -7.734  -13.262 3.440   1.00 19.53 ? 46  LYS A CE  1 
ATOM   313 N  NZ  . LYS A 1 46 ? -6.808  -13.758 2.381   1.00 24.42 ? 46  LYS A NZ  1 
ATOM   314 N  N   . ALA A 1 47 ? -8.006  -6.883  3.261   1.00 10.86 ? 47  ALA A N   1 
ATOM   315 C  CA  . ALA A 1 47 ? -8.609  -5.585  2.981   1.00 11.86 ? 47  ALA A CA  1 
ATOM   316 C  C   . ALA A 1 47 ? -8.708  -5.468  1.466   1.00 13.06 ? 47  ALA A C   1 
ATOM   317 O  O   . ALA A 1 47 ? -7.813  -5.889  0.751   1.00 13.14 ? 47  ALA A O   1 
ATOM   318 C  CB  . ALA A 1 47 ? -7.786  -4.440  3.557   1.00 13.36 ? 47  ALA A CB  1 
ATOM   319 N  N   . PRO A 1 48 ? -9.802  -4.920  0.964   1.00 13.57 ? 48  PRO A N   1 
ATOM   320 C  CA  . PRO A 1 48 ? -9.941  -4.822  -0.480  1.00 15.01 ? 48  PRO A CA  1 
ATOM   321 C  C   . PRO A 1 48 ? -9.026  -3.762  -1.101  1.00 16.00 ? 48  PRO A C   1 
ATOM   322 O  O   . PRO A 1 48 ? -8.499  -2.884  -0.401  1.00 14.98 ? 48  PRO A O   1 
ATOM   323 C  CB  . PRO A 1 48 ? -11.410 -4.420  -0.639  1.00 14.64 ? 48  PRO A CB  1 
ATOM   324 C  CG  . PRO A 1 48 ? -11.675 -3.576  0.577   1.00 14.63 ? 48  PRO A CG  1 
ATOM   325 C  CD  . PRO A 1 48 ? -10.919 -4.286  1.680   1.00 14.36 ? 48  PRO A CD  1 
ATOM   326 N  N   . GLY A 1 49 ? -8.843  -3.876  -2.415  1.00 17.65 ? 49  GLY A N   1 
ATOM   327 C  CA  . GLY A 1 49 ? -8.209  -2.810  -3.194  1.00 19.00 ? 49  GLY A CA  1 
ATOM   328 C  C   . GLY A 1 49 ? -9.066  -1.564  -3.168  1.00 20.81 ? 49  GLY A C   1 
ATOM   329 O  O   . GLY A 1 49 ? -10.294 -1.643  -3.008  1.00 22.00 ? 49  GLY A O   1 
ATOM   330 N  N   . ALA A 1 50 ? -8.432  -0.407  -3.299  1.00 22.07 ? 50  ALA A N   1 
ATOM   331 C  CA  . ALA A 1 50 ? -9.168  0.850   -3.384  1.00 23.17 ? 50  ALA A CA  1 
ATOM   332 C  C   . ALA A 1 50 ? -8.297  1.903   -4.015  1.00 23.86 ? 50  ALA A C   1 
ATOM   333 O  O   . ALA A 1 50 ? -7.117  1.992   -3.699  1.00 23.68 ? 50  ALA A O   1 
ATOM   334 C  CB  . ALA A 1 50 ? -9.611  1.299   -2.020  1.00 23.54 ? 50  ALA A CB  1 
ATOM   335 N  N   . LYS A 1 51 ? -8.868  2.686   -4.926  1.00 24.81 ? 51  LYS A N   1 
ATOM   336 C  CA  . LYS A 1 51 ? -8.227  3.926   -5.363  1.00 26.06 ? 51  LYS A CA  1 
ATOM   337 C  C   . LYS A 1 51 ? -8.385  4.934   -4.238  1.00 25.43 ? 51  LYS A C   1 
ATOM   338 O  O   . LYS A 1 51 ? -9.439  5.005   -3.609  1.00 26.19 ? 51  LYS A O   1 
ATOM   339 C  CB  . LYS A 1 51 ? -8.812  4.458   -6.690  1.00 26.75 ? 51  LYS A CB  1 
ATOM   340 C  CG  . LYS A 1 51 ? -10.334 4.427   -6.801  1.00 31.15 ? 51  LYS A CG  1 
ATOM   341 C  CD  . LYS A 1 51 ? -10.838 4.994   -8.129  1.00 35.18 ? 51  LYS A CD  1 
ATOM   342 C  CE  . LYS A 1 51 ? -12.367 5.155   -8.102  1.00 37.10 ? 51  LYS A CE  1 
ATOM   343 N  NZ  . LYS A 1 51 ? -12.855 6.267   -8.981  1.00 38.59 ? 51  LYS A NZ  1 
ATOM   344 N  N   . ILE A 1 52 ? -7.323  5.675   -3.952  1.00 24.89 ? 52  ILE A N   1 
ATOM   345 C  CA  . ILE A 1 52 ? -7.333  6.641   -2.861  1.00 24.59 ? 52  ILE A CA  1 
ATOM   346 C  C   . ILE A 1 52 ? -7.080  8.067   -3.374  1.00 25.80 ? 52  ILE A C   1 
ATOM   347 O  O   . ILE A 1 52 ? -7.902  8.958   -3.140  1.00 25.76 ? 52  ILE A O   1 
ATOM   348 C  CB  . ILE A 1 52 ? -6.361  6.230   -1.718  1.00 24.42 ? 52  ILE A CB  1 
ATOM   349 C  CG1 . ILE A 1 52 ? -6.771  4.848   -1.183  1.00 23.49 ? 52  ILE A CG1 1 
ATOM   350 C  CG2 . ILE A 1 52 ? -6.352  7.288   -0.608  1.00 24.58 ? 52  ILE A CG2 1 
ATOM   351 C  CD1 . ILE A 1 52 ? -5.852  4.259   -0.139  1.00 21.65 ? 52  ILE A CD1 1 
ATOM   352 N  N   . VAL A 1 53 ? -5.959  8.293   -4.053  1.00 26.67 ? 53  VAL A N   1 
ATOM   353 C  CA  . VAL A 1 53 ? -5.739  9.592   -4.700  1.00 28.50 ? 53  VAL A CA  1 
ATOM   354 C  C   . VAL A 1 53 ? -5.142  9.429   -6.090  1.00 29.23 ? 53  VAL A C   1 
ATOM   355 O  O   . VAL A 1 53 ? -4.341  8.535   -6.340  1.00 28.43 ? 53  VAL A O   1 
ATOM   356 C  CB  . VAL A 1 53 ? -4.901  10.623  -3.833  1.00 28.99 ? 53  VAL A CB  1 
ATOM   357 C  CG1 . VAL A 1 53 ? -4.834  10.225  -2.362  1.00 28.85 ? 53  VAL A CG1 1 
ATOM   358 C  CG2 . VAL A 1 53 ? -3.493  10.864  -4.397  1.00 29.93 ? 53  VAL A CG2 1 
ATOM   359 N  N   . HIS A 1 54 ? -5.576  10.290  -6.998  1.00 31.43 ? 54  HIS A N   1 
ATOM   360 C  CA  . HIS A 1 54 ? -4.943  10.436  -8.302  1.00 33.66 ? 54  HIS A CA  1 
ATOM   361 C  C   . HIS A 1 54 ? -4.804  11.925  -8.603  1.00 34.26 ? 54  HIS A C   1 
ATOM   362 O  O   . HIS A 1 54 ? -5.658  12.518  -9.260  1.00 34.77 ? 54  HIS A O   1 
ATOM   363 C  CB  . HIS A 1 54 ? -5.759  9.747   -9.388  1.00 34.45 ? 54  HIS A CB  1 
ATOM   364 C  CG  . HIS A 1 54 ? -5.023  9.599   -10.682 1.00 37.46 ? 54  HIS A CG  1 
ATOM   365 N  ND1 . HIS A 1 54 ? -4.590  8.379   -11.157 1.00 39.96 ? 54  HIS A ND1 1 
ATOM   366 C  CD2 . HIS A 1 54 ? -4.632  10.521  -11.595 1.00 39.84 ? 54  HIS A CD2 1 
ATOM   367 C  CE1 . HIS A 1 54 ? -3.970  8.553   -12.311 1.00 41.33 ? 54  HIS A CE1 1 
ATOM   368 N  NE2 . HIS A 1 54 ? -3.978  9.845   -12.598 1.00 41.97 ? 54  HIS A NE2 1 
ATOM   369 N  N   . HIS A 1 55 ? -3.718  12.517  -8.122  1.00 35.00 ? 55  HIS A N   1 
ATOM   370 C  CA  . HIS A 1 55 ? -3.534  13.959  -8.155  1.00 36.00 ? 55  HIS A CA  1 
ATOM   371 C  C   . HIS A 1 55 ? -2.571  14.419  -9.262  1.00 36.78 ? 55  HIS A C   1 
ATOM   372 O  O   . HIS A 1 55 ? -1.414  13.995  -9.298  1.00 36.78 ? 55  HIS A O   1 
ATOM   373 C  CB  . HIS A 1 55 ? -3.028  14.418  -6.784  1.00 35.72 ? 55  HIS A CB  1 
ATOM   374 C  CG  . HIS A 1 55 ? -2.874  15.901  -6.651  1.00 35.95 ? 55  HIS A CG  1 
ATOM   375 N  ND1 . HIS A 1 55 ? -3.939  16.742  -6.408  1.00 35.27 ? 55  HIS A ND1 1 
ATOM   376 C  CD2 . HIS A 1 55 ? -1.774  16.690  -6.700  1.00 35.77 ? 55  HIS A CD2 1 
ATOM   377 C  CE1 . HIS A 1 55 ? -3.503  17.986  -6.329  1.00 35.60 ? 55  HIS A CE1 1 
ATOM   378 N  NE2 . HIS A 1 55 ? -2.193  17.981  -6.501  1.00 35.02 ? 55  HIS A NE2 1 
ATOM   379 N  N   . HIS A 1 56 ? -3.060  15.274  -10.165 1.00 37.97 ? 56  HIS A N   1 
ATOM   380 C  CA  . HIS A 1 56 ? -2.195  16.047  -11.069 1.00 39.24 ? 56  HIS A CA  1 
ATOM   381 C  C   . HIS A 1 56 ? -2.029  17.427  -10.460 1.00 39.66 ? 56  HIS A C   1 
ATOM   382 O  O   . HIS A 1 56 ? -3.022  18.115  -10.232 1.00 39.45 ? 56  HIS A O   1 
ATOM   383 C  CB  . HIS A 1 56 ? -2.824  16.223  -12.453 1.00 39.68 ? 56  HIS A CB  1 
ATOM   384 C  CG  . HIS A 1 56 ? -3.000  14.951  -13.221 1.00 41.62 ? 56  HIS A CG  1 
ATOM   385 N  ND1 . HIS A 1 56 ? -4.233  14.358  -13.405 1.00 43.79 ? 56  HIS A ND1 1 
ATOM   386 C  CD2 . HIS A 1 56 ? -2.105  14.171  -13.876 1.00 43.19 ? 56  HIS A CD2 1 
ATOM   387 C  CE1 . HIS A 1 56 ? -4.088  13.257  -14.122 1.00 44.22 ? 56  HIS A CE1 1 
ATOM   388 N  NE2 . HIS A 1 56 ? -2.806  13.120  -14.422 1.00 44.42 ? 56  HIS A NE2 1 
ATOM   389 N  N   . HIS A 1 57 ? -0.790  17.838  -10.206 1.00 40.57 ? 57  HIS A N   1 
ATOM   390 C  CA  . HIS A 1 57 ? -0.510  19.127  -9.548  1.00 42.03 ? 57  HIS A CA  1 
ATOM   391 C  C   . HIS A 1 57 ? -1.045  20.329  -10.334 1.00 42.35 ? 57  HIS A C   1 
ATOM   392 O  O   . HIS A 1 57 ? -1.399  21.361  -9.747  1.00 42.70 ? 57  HIS A O   1 
ATOM   393 C  CB  . HIS A 1 57 ? 0.993   19.271  -9.299  1.00 42.33 ? 57  HIS A CB  1 
ATOM   394 C  CG  . HIS A 1 57 ? 1.448   20.664  -8.971  1.00 44.47 ? 57  HIS A CG  1 
ATOM   395 N  ND1 . HIS A 1 57 ? 1.586   21.118  -7.674  1.00 46.15 ? 57  HIS A ND1 1 
ATOM   396 C  CD2 . HIS A 1 57 ? 1.844   21.686  -9.770  1.00 45.81 ? 57  HIS A CD2 1 
ATOM   397 C  CE1 . HIS A 1 57 ? 2.024   22.366  -7.690  1.00 46.69 ? 57  HIS A CE1 1 
ATOM   398 N  NE2 . HIS A 1 57 ? 2.186   22.736  -8.949  1.00 46.20 ? 57  HIS A NE2 1 
ATOM   399 N  N   . HIS A 1 58 ? -1.112  20.171  -11.652 1.00 42.61 ? 58  HIS A N   1 
ATOM   400 C  CA  . HIS A 1 58 ? -1.563  21.225  -12.552 1.00 42.97 ? 58  HIS A CA  1 
ATOM   401 C  C   . HIS A 1 58 ? -3.073  21.370  -12.710 1.00 42.99 ? 58  HIS A C   1 
ATOM   402 O  O   . HIS A 1 58 ? -3.520  22.257  -13.435 1.00 42.83 ? 58  HIS A O   1 
ATOM   403 C  CB  . HIS A 1 58 ? -0.946  21.020  -13.932 1.00 43.09 ? 58  HIS A CB  1 
ATOM   404 C  CG  . HIS A 1 58 ? 0.383   21.677  -14.090 1.00 44.71 ? 58  HIS A CG  1 
ATOM   405 N  ND1 . HIS A 1 58 ? 0.818   22.675  -13.244 1.00 45.49 ? 58  HIS A ND1 1 
ATOM   406 C  CD2 . HIS A 1 58 ? 1.362   21.506  -15.012 1.00 46.04 ? 58  HIS A CD2 1 
ATOM   407 C  CE1 . HIS A 1 58 ? 2.009   23.087  -13.635 1.00 46.65 ? 58  HIS A CE1 1 
ATOM   408 N  NE2 . HIS A 1 58 ? 2.366   22.392  -14.702 1.00 47.22 ? 58  HIS A NE2 1 
ATOM   409 N  N   . HIS A 1 59 ? -3.854  20.505  -12.061 1.00 42.94 ? 59  HIS A N   1 
ATOM   410 C  CA  . HIS A 1 59 ? -5.319  20.577  -12.155 1.00 42.93 ? 59  HIS A CA  1 
ATOM   411 C  C   . HIS A 1 59 ? -5.989  20.784  -10.796 1.00 43.14 ? 59  HIS A C   1 
ATOM   412 O  O   . HIS A 1 59 ? -5.795  19.998  -9.861  1.00 43.43 ? 59  HIS A O   1 
ATOM   413 C  CB  . HIS A 1 59 ? -5.890  19.342  -12.859 1.00 42.80 ? 59  HIS A CB  1 
ATOM   414 C  CG  . HIS A 1 59 ? -5.113  18.913  -14.065 1.00 42.77 ? 59  HIS A CG  1 
ATOM   415 N  ND1 . HIS A 1 59 ? -4.584  19.809  -14.971 1.00 43.50 ? 59  HIS A ND1 1 
ATOM   416 C  CD2 . HIS A 1 59 ? -4.791  17.681  -14.525 1.00 43.31 ? 59  HIS A CD2 1 
ATOM   417 C  CE1 . HIS A 1 59 ? -3.956  19.147  -15.927 1.00 43.87 ? 59  HIS A CE1 1 
ATOM   418 N  NE2 . HIS A 1 59 ? -4.065  17.853  -15.679 1.00 43.68 ? 59  HIS A NE2 1 
HETATM 419 FE FE1 . FES B 2 .  ? 2.354   -5.128  5.845   1.00 9.49  ? 61  FES A FE1 1 
HETATM 420 FE FE2 . FES B 2 .  ? 2.894   -5.781  3.296   1.00 10.09 ? 61  FES A FE2 1 
HETATM 421 S  S1  . FES B 2 .  ? 4.090   -6.230  5.127   1.00 9.49  ? 61  FES A S1  1 
HETATM 422 S  S2  . FES B 2 .  ? 1.153   -4.620  4.023   1.00 9.71  ? 61  FES A S2  1 
HETATM 423 O  O   . HOH C 3 .  ? -9.800  -7.177  7.861   1.00 10.71 ? 62  HOH A O   1 
HETATM 424 O  O   . HOH C 3 .  ? -6.829  -14.505 6.720   1.00 19.13 ? 63  HOH A O   1 
HETATM 425 O  O   . HOH C 3 .  ? -6.051  0.147   5.097   1.00 10.93 ? 64  HOH A O   1 
HETATM 426 O  O   . HOH C 3 .  ? -9.001  -1.182  1.743   1.00 18.24 ? 65  HOH A O   1 
HETATM 427 O  O   . HOH C 3 .  ? -3.248  -6.468  10.955  1.00 18.33 ? 66  HOH A O   1 
HETATM 428 O  O   . HOH C 3 .  ? -11.312 -6.124  5.211   1.00 14.68 ? 67  HOH A O   1 
HETATM 429 O  O   . HOH C 3 .  ? 11.882  -7.017  6.375   1.00 23.40 ? 68  HOH A O   1 
HETATM 430 O  O   . HOH C 3 .  ? 11.207  -4.153  2.719   1.00 30.49 ? 69  HOH A O   1 
HETATM 431 O  O   . HOH C 3 .  ? 12.261  0.394   5.460   1.00 25.35 ? 70  HOH A O   1 
HETATM 432 O  O   . HOH C 3 .  ? -10.081 -8.546  0.941   1.00 25.93 ? 71  HOH A O   1 
HETATM 433 O  O   . HOH C 3 .  ? 8.432   -2.278  -0.149  1.00 26.46 ? 72  HOH A O   1 
HETATM 434 O  O   . HOH C 3 .  ? 7.759   -11.883 3.613   1.00 23.01 ? 73  HOH A O   1 
HETATM 435 O  O   . HOH C 3 .  ? 9.711   1.820   11.330  1.00 21.61 ? 74  HOH A O   1 
HETATM 436 O  O   . HOH C 3 .  ? 8.721   0.168   -1.057  1.00 25.87 ? 75  HOH A O   1 
HETATM 437 O  O   . HOH C 3 .  ? -10.316 -5.909  -3.944  1.00 26.44 ? 76  HOH A O   1 
HETATM 438 O  O   . HOH C 3 .  ? -2.139  -11.127 1.481   1.00 27.54 ? 77  HOH A O   1 
HETATM 439 O  O   . HOH C 3 .  ? -2.588  -7.904  13.718  0.50 13.08 ? 78  HOH A O   1 
HETATM 440 O  O   . HOH C 3 .  ? -0.595  3.675   -7.223  1.00 25.28 ? 79  HOH A O   1 
HETATM 441 O  O   . HOH C 3 .  ? -5.528  -4.956  -5.767  1.00 29.25 ? 80  HOH A O   1 
HETATM 442 O  O   . HOH C 3 .  ? -11.866 2.425   -4.996  1.00 30.81 ? 81  HOH A O   1 
HETATM 443 O  O   . HOH C 3 .  ? -11.128 -7.882  -1.568  1.00 30.98 ? 82  HOH A O   1 
HETATM 444 O  O   . HOH C 3 .  ? -5.303  -16.260 5.166   1.00 37.93 ? 83  HOH A O   1 
HETATM 445 O  O   . HOH C 3 .  ? 10.565  -10.301 5.848   1.00 26.95 ? 84  HOH A O   1 
HETATM 446 O  O   . HOH C 3 .  ? -6.338  15.504  -5.750  1.00 42.30 ? 85  HOH A O   1 
HETATM 447 O  O   . HOH C 3 .  ? 7.657   -11.814 6.364   1.00 21.08 ? 86  HOH A O   1 
HETATM 448 O  O   . HOH C 3 .  ? 11.974  3.468   11.078  1.00 28.74 ? 87  HOH A O   1 
HETATM 449 O  O   . HOH C 3 .  ? -11.308 1.192   -7.099  1.00 49.44 ? 88  HOH A O   1 
HETATM 450 O  O   . HOH C 3 .  ? -4.935  -1.193  7.300   1.00 10.08 ? 89  HOH A O   1 
HETATM 451 O  O   . HOH C 3 .  ? -2.817  -14.797 3.376   1.00 31.74 ? 90  HOH A O   1 
HETATM 452 O  O   . HOH C 3 .  ? -4.661  -12.315 -1.492  1.00 30.77 ? 91  HOH A O   1 
HETATM 453 O  O   . HOH C 3 .  ? -10.560 4.323   -0.705  1.00 36.43 ? 92  HOH A O   1 
HETATM 454 O  O   . HOH C 3 .  ? -12.619 -0.618  -1.519  1.00 29.74 ? 93  HOH A O   1 
HETATM 455 O  O   . HOH C 3 .  ? -3.282  -8.832  -4.259  1.00 27.13 ? 94  HOH A O   1 
HETATM 456 O  O   . HOH C 3 .  ? -14.048 -2.414  -2.832  1.00 42.75 ? 95  HOH A O   1 
HETATM 457 O  O   . HOH C 3 .  ? 6.783   6.528   -5.397  1.00 40.14 ? 96  HOH A O   1 
HETATM 458 O  O   . HOH C 3 .  ? -5.669  -1.687  -5.853  1.00 32.34 ? 97  HOH A O   1 
HETATM 459 O  O   . HOH C 3 .  ? -3.805  -12.242 3.166   1.00 27.32 ? 98  HOH A O   1 
HETATM 460 O  O   . HOH C 3 .  ? 1.827   -10.320 -1.718  1.00 36.63 ? 99  HOH A O   1 
HETATM 461 O  O   . HOH C 3 .  ? 4.852   -12.809 1.194   1.00 37.60 ? 100 HOH A O   1 
HETATM 462 O  O   . HOH C 3 .  ? -3.513  -9.491  9.864   1.00 28.65 ? 101 HOH A O   1 
# 
